data_1X6M
#
_entry.id   1X6M
#
_cell.length_a   53.360
_cell.length_b   118.860
_cell.length_c   95.990
_cell.angle_alpha   90.00
_cell.angle_beta   97.48
_cell.angle_gamma   90.00
#
_symmetry.space_group_name_H-M   'P 1 21 1'
#
loop_
_entity.id
_entity.type
_entity.pdbx_description
1 polymer 'Glutathione-dependent formaldehyde-activating enzyme'
2 non-polymer 'ZINC ION'
3 non-polymer 'SULFATE ION'
4 non-polymer GLYCEROL
5 water water
#
_entity_poly.entity_id   1
_entity_poly.type   'polypeptide(L)'
_entity_poly.pdbx_seq_one_letter_code
;GHMVDTSGVKIHPAVDNGIKPAQPGFAGGTLHCKCSTNPVRVAVRAQTAHNHVCGCTKCWKPEGAIFSQVAVVGRDALEV
LEGAEKLEIVNAEAPIQRHRCRDCGVHMYGRIENRDHPFYGLDFVHTELSDEDGWSAPEFAAFVSSIIESGVDPSRMEAI
RARLRELGLEPYDALSPPLMDAIATHIAKRSGALAA
;
_entity_poly.pdbx_strand_id   A,B,C,D
#
# COMPACT_ATOMS: atom_id res chain seq x y z
N GLY A 1 19.59 -9.28 -6.76
CA GLY A 1 18.12 -9.03 -6.96
C GLY A 1 17.63 -8.28 -5.74
N HIS A 2 16.38 -7.73 -5.79
CA HIS A 2 15.95 -6.48 -5.09
C HIS A 2 14.44 -6.11 -5.33
N MET A 3 13.77 -5.57 -4.29
CA MET A 3 12.33 -5.27 -4.35
C MET A 3 11.92 -3.77 -4.52
N VAL A 4 12.68 -2.88 -3.87
CA VAL A 4 12.49 -1.46 -3.96
C VAL A 4 13.71 -0.86 -4.60
N ASP A 5 13.51 0.08 -5.51
CA ASP A 5 14.57 0.81 -6.17
C ASP A 5 15.11 1.92 -5.29
N THR A 6 16.40 1.86 -5.06
CA THR A 6 17.04 2.58 -4.01
C THR A 6 18.09 3.50 -4.67
N SER A 7 18.16 3.49 -6.00
CA SER A 7 19.23 4.24 -6.69
C SER A 7 18.99 5.76 -6.61
N GLY A 8 20.08 6.53 -6.49
CA GLY A 8 19.95 7.94 -6.24
C GLY A 8 19.66 8.40 -4.80
N VAL A 9 19.28 7.49 -3.89
CA VAL A 9 19.02 7.85 -2.48
C VAL A 9 20.34 8.16 -1.72
N LYS A 10 20.46 9.42 -1.30
CA LYS A 10 21.54 9.92 -0.51
C LYS A 10 21.00 10.13 0.93
N ILE A 11 21.73 9.62 1.92
CA ILE A 11 21.38 9.71 3.35
C ILE A 11 22.26 10.76 4.06
N HIS A 12 23.55 10.45 4.17
CA HIS A 12 24.58 11.29 4.78
C HIS A 12 25.93 10.83 4.10
N PRO A 13 26.79 11.79 3.67
CA PRO A 13 28.09 11.50 3.03
C PRO A 13 28.93 10.42 3.74
N ALA A 14 28.76 10.33 5.06
CA ALA A 14 29.50 9.43 5.93
C ALA A 14 28.99 7.99 5.87
N VAL A 15 27.81 7.77 5.28
CA VAL A 15 27.23 6.44 5.00
C VAL A 15 26.99 6.16 3.52
N ASP A 16 27.07 7.19 2.66
CA ASP A 16 26.66 7.03 1.27
C ASP A 16 27.67 6.21 0.49
N ASN A 17 28.94 6.39 0.83
CA ASN A 17 30.01 5.78 0.04
C ASN A 17 30.96 5.02 0.91
N GLY A 18 30.41 4.13 1.74
CA GLY A 18 31.19 3.32 2.64
C GLY A 18 30.99 3.83 4.06
N ILE A 19 30.84 2.93 5.00
CA ILE A 19 30.76 3.28 6.40
C ILE A 19 32.05 2.82 7.03
N LYS A 20 32.87 3.78 7.45
CA LYS A 20 34.12 3.51 8.17
C LYS A 20 33.86 2.82 9.50
N PRO A 21 34.57 1.73 9.80
CA PRO A 21 34.32 1.06 11.06
C PRO A 21 35.08 1.70 12.29
N ALA A 22 34.64 1.34 13.49
CA ALA A 22 35.40 1.54 14.72
C ALA A 22 36.77 0.89 14.55
N GLN A 23 37.80 1.36 15.28
CA GLN A 23 39.14 0.73 15.22
C GLN A 23 39.56 0.49 16.67
N PRO A 24 40.35 -0.58 16.95
CA PRO A 24 40.39 -0.99 18.35
C PRO A 24 41.17 -0.06 19.28
N GLY A 25 40.71 0.03 20.53
CA GLY A 25 41.23 0.98 21.50
C GLY A 25 41.27 2.42 21.01
N PHE A 26 40.35 2.80 20.11
CA PHE A 26 40.18 4.20 19.74
C PHE A 26 39.91 5.01 20.99
N ALA A 27 40.62 6.10 21.15
CA ALA A 27 40.57 6.84 22.39
C ALA A 27 40.05 8.22 22.17
N GLY A 28 39.58 8.56 20.96
CA GLY A 28 39.05 9.90 20.77
C GLY A 28 39.77 10.76 19.77
N GLY A 29 39.48 12.05 19.79
CA GLY A 29 40.10 12.98 18.86
C GLY A 29 39.53 14.37 19.04
N THR A 30 39.54 15.15 17.96
CA THR A 30 39.20 16.58 17.93
C THR A 30 38.19 16.85 16.83
N LEU A 31 37.14 17.59 17.20
CA LEU A 31 36.10 18.01 16.26
C LEU A 31 36.46 19.42 15.87
N HIS A 32 36.41 19.76 14.60
CA HIS A 32 36.62 21.13 14.21
C HIS A 32 35.38 21.67 13.44
N CYS A 33 35.02 22.93 13.61
CA CYS A 33 33.96 23.51 12.78
C CYS A 33 34.48 23.72 11.35
N LYS A 34 33.69 24.34 10.50
CA LYS A 34 34.03 24.49 9.09
C LYS A 34 34.62 25.86 8.66
N CYS A 35 34.95 26.70 9.64
CA CYS A 35 35.65 27.95 9.42
C CYS A 35 37.03 27.73 8.92
N SER A 36 37.35 28.39 7.81
CA SER A 36 38.64 28.15 7.15
C SER A 36 39.81 28.64 8.00
N THR A 37 39.54 29.56 8.92
CA THR A 37 40.60 30.03 9.79
C THR A 37 40.03 30.32 11.17
N ASN A 38 40.80 29.95 12.19
CA ASN A 38 40.37 30.02 13.57
C ASN A 38 39.10 29.21 13.88
N PRO A 39 39.01 27.96 13.41
CA PRO A 39 37.80 27.17 13.74
C PRO A 39 37.58 26.92 15.22
N VAL A 40 36.35 26.77 15.67
CA VAL A 40 36.10 26.10 16.94
C VAL A 40 36.74 24.71 16.88
N ARG A 41 37.49 24.36 17.91
CA ARG A 41 38.01 23.01 18.09
C ARG A 41 37.50 22.48 19.39
N VAL A 42 36.94 21.28 19.37
CA VAL A 42 36.59 20.54 20.59
C VAL A 42 37.25 19.17 20.66
N ALA A 43 37.88 18.87 21.80
CA ALA A 43 38.44 17.57 22.05
C ALA A 43 37.36 16.62 22.51
N VAL A 44 37.35 15.39 21.94
CA VAL A 44 36.51 14.29 22.47
C VAL A 44 37.47 13.15 22.84
N ARG A 45 37.70 13.01 24.14
CA ARG A 45 38.80 12.21 24.64
C ARG A 45 38.30 10.84 25.06
N ALA A 46 37.32 10.33 24.35
CA ALA A 46 36.83 8.96 24.52
C ALA A 46 36.21 8.53 23.20
N GLN A 47 35.93 7.25 23.12
CA GLN A 47 35.26 6.65 22.02
C GLN A 47 33.79 6.95 22.28
N THR A 48 33.03 7.24 21.22
CA THR A 48 31.60 7.46 21.36
C THR A 48 30.76 6.18 21.45
N ALA A 49 29.47 6.30 21.71
CA ALA A 49 28.57 5.14 21.68
C ALA A 49 27.31 5.60 20.96
N HIS A 50 26.52 4.66 20.48
CA HIS A 50 25.19 4.93 19.94
C HIS A 50 25.19 5.97 18.81
N ASN A 51 26.13 5.83 17.88
CA ASN A 51 26.19 6.68 16.73
C ASN A 51 25.05 6.18 15.86
N HIS A 52 24.33 7.09 15.23
CA HIS A 52 23.19 6.71 14.49
C HIS A 52 23.03 7.85 13.51
N VAL A 53 22.27 7.65 12.44
CA VAL A 53 21.83 8.79 11.64
C VAL A 53 20.41 9.16 12.13
N CYS A 54 20.04 10.41 11.99
CA CYS A 54 18.85 10.95 12.63
C CYS A 54 18.19 11.93 11.68
N GLY A 55 16.89 11.74 11.54
CA GLY A 55 16.13 12.59 10.67
C GLY A 55 15.49 13.80 11.35
N CYS A 56 15.57 13.95 12.66
CA CYS A 56 14.95 15.13 13.25
C CYS A 56 15.47 16.46 12.67
N THR A 57 14.69 17.49 12.89
CA THR A 57 14.83 18.83 12.29
C THR A 57 15.80 19.73 13.08
N LYS A 58 16.10 19.35 14.32
CA LYS A 58 17.00 20.03 15.25
C LYS A 58 18.51 19.72 15.15
N CYS A 59 18.88 18.57 14.57
CA CYS A 59 20.30 18.18 14.41
C CYS A 59 20.99 18.79 13.22
N TRP A 60 22.27 19.08 13.38
CA TRP A 60 23.07 19.54 12.27
C TRP A 60 23.39 18.45 11.22
N LYS A 61 23.34 18.87 9.94
CA LYS A 61 23.47 18.01 8.80
C LYS A 61 24.35 18.77 7.85
N PRO A 62 25.34 18.09 7.24
CA PRO A 62 26.11 18.79 6.23
C PRO A 62 25.27 19.18 5.00
N GLU A 63 25.67 20.25 4.33
CA GLU A 63 24.96 20.70 3.12
C GLU A 63 24.64 19.57 2.17
N GLY A 64 23.36 19.50 1.82
CA GLY A 64 22.82 18.46 0.94
C GLY A 64 22.12 17.35 1.70
N ALA A 65 22.69 16.96 2.86
CA ALA A 65 22.31 15.76 3.55
C ALA A 65 20.88 15.82 4.12
N ILE A 66 20.21 14.69 4.05
CA ILE A 66 18.88 14.53 4.58
C ILE A 66 18.88 13.99 5.99
N PHE A 67 19.95 13.31 6.40
CA PHE A 67 20.09 12.90 7.81
C PHE A 67 21.31 13.58 8.42
N SER A 68 21.34 13.71 9.73
CA SER A 68 22.57 14.04 10.43
C SER A 68 23.16 12.73 10.96
N GLN A 69 24.43 12.73 11.31
CA GLN A 69 25.01 11.61 12.00
C GLN A 69 25.45 12.12 13.38
N VAL A 70 24.97 11.50 14.46
CA VAL A 70 25.22 12.03 15.77
C VAL A 70 25.46 10.89 16.75
N ALA A 71 26.42 11.09 17.66
CA ALA A 71 26.85 10.06 18.61
C ALA A 71 26.83 10.67 19.97
N VAL A 72 27.09 9.84 20.96
CA VAL A 72 26.94 10.24 22.32
C VAL A 72 28.25 9.92 23.07
N VAL A 73 28.68 10.84 23.91
CA VAL A 73 29.87 10.66 24.74
C VAL A 73 29.62 11.20 26.14
N GLY A 74 30.19 10.59 27.18
CA GLY A 74 30.20 11.22 28.53
C GLY A 74 30.67 12.68 28.50
N ARG A 75 29.97 13.55 29.21
CA ARG A 75 30.29 14.97 29.15
C ARG A 75 31.70 15.30 29.69
N ASP A 76 32.11 14.48 30.66
CA ASP A 76 33.48 14.36 31.19
C ASP A 76 34.62 14.27 30.15
N ALA A 77 34.33 13.83 28.95
CA ALA A 77 35.38 13.59 27.99
C ALA A 77 35.43 14.68 26.92
N LEU A 78 34.65 15.75 27.10
CA LEU A 78 34.42 16.74 26.03
C LEU A 78 34.90 18.11 26.52
N GLU A 79 35.72 18.76 25.70
CA GLU A 79 36.36 20.02 26.07
C GLU A 79 36.48 20.97 24.88
N VAL A 80 36.02 22.20 25.00
CA VAL A 80 36.21 23.19 23.95
C VAL A 80 37.61 23.76 24.05
N LEU A 81 38.39 23.63 22.97
CA LEU A 81 39.77 24.00 22.95
C LEU A 81 40.09 25.39 22.37
N GLU A 82 39.45 25.75 21.26
CA GLU A 82 39.65 27.05 20.65
C GLU A 82 38.24 27.53 20.29
N GLY A 83 37.99 28.84 20.29
CA GLY A 83 36.76 29.39 19.77
C GLY A 83 35.48 29.29 20.59
N ALA A 84 35.56 29.28 21.91
CA ALA A 84 34.35 29.35 22.72
C ALA A 84 33.51 30.60 22.42
N GLU A 85 34.16 31.72 22.07
CA GLU A 85 33.46 32.97 21.72
C GLU A 85 32.67 32.95 20.38
N LYS A 86 32.99 32.00 19.50
CA LYS A 86 32.25 31.84 18.25
C LYS A 86 31.04 30.92 18.41
N LEU A 87 30.90 30.28 19.56
CA LEU A 87 29.75 29.45 19.81
C LEU A 87 28.57 30.22 20.35
N GLU A 88 27.35 29.80 19.99
CA GLU A 88 26.12 30.33 20.55
C GLU A 88 25.19 29.14 20.78
N ILE A 89 24.34 29.18 21.78
CA ILE A 89 23.31 28.13 22.00
C ILE A 89 22.15 28.36 21.00
N VAL A 90 21.78 27.33 20.22
CA VAL A 90 20.74 27.48 19.21
C VAL A 90 19.41 27.84 19.87
N ASN A 91 19.01 27.05 20.85
CA ASN A 91 17.74 27.20 21.60
C ASN A 91 18.05 26.76 23.02
N ALA A 92 18.14 27.73 23.92
CA ALA A 92 18.54 27.43 25.27
C ALA A 92 17.40 26.76 26.02
N GLU A 93 16.22 26.70 25.41
CA GLU A 93 15.08 25.98 26.00
C GLU A 93 14.90 24.52 25.58
N ALA A 94 15.66 24.06 24.58
CA ALA A 94 15.55 22.65 24.22
C ALA A 94 16.12 21.75 25.34
N PRO A 95 15.67 20.48 25.46
CA PRO A 95 16.39 19.58 26.39
C PRO A 95 17.91 19.39 26.05
N ILE A 96 18.23 19.34 24.76
CA ILE A 96 19.58 19.32 24.32
C ILE A 96 19.96 20.74 23.81
N GLN A 97 20.87 21.40 24.53
CA GLN A 97 21.34 22.69 24.08
C GLN A 97 22.45 22.48 23.09
N ARG A 98 22.25 22.96 21.87
CA ARG A 98 23.18 22.72 20.82
C ARG A 98 24.02 23.96 20.65
N HIS A 99 25.33 23.76 20.69
CA HIS A 99 26.27 24.87 20.61
C HIS A 99 26.83 24.92 19.23
N ARG A 100 26.61 26.00 18.53
CA ARG A 100 26.81 26.01 17.11
C ARG A 100 27.76 27.15 16.81
N CYS A 101 28.69 26.97 15.89
CA CYS A 101 29.54 28.09 15.55
C CYS A 101 28.67 29.14 14.85
N ARG A 102 28.60 30.34 15.44
CA ARG A 102 27.90 31.44 14.79
C ARG A 102 28.40 31.78 13.39
N ASP A 103 29.61 31.37 13.03
CA ASP A 103 30.07 31.70 11.64
C ASP A 103 29.81 30.68 10.55
N CYS A 104 30.01 29.40 10.82
CA CYS A 104 29.81 28.46 9.76
C CYS A 104 28.52 27.66 9.95
N GLY A 105 27.95 27.65 11.15
CA GLY A 105 26.63 27.10 11.35
C GLY A 105 26.70 25.69 11.92
N VAL A 106 27.92 25.20 12.07
CA VAL A 106 28.18 23.81 12.48
C VAL A 106 27.98 23.73 13.98
N HIS A 107 27.24 22.71 14.43
CA HIS A 107 27.04 22.42 15.85
C HIS A 107 28.22 21.66 16.37
N MET A 108 28.86 22.20 17.38
CA MET A 108 30.07 21.59 17.89
C MET A 108 29.80 20.58 18.97
N TYR A 109 28.70 20.77 19.73
CA TYR A 109 28.23 19.75 20.67
C TYR A 109 26.82 19.99 21.17
N GLY A 110 26.16 18.99 21.70
CA GLY A 110 24.87 19.20 22.31
C GLY A 110 24.92 18.72 23.73
N ARG A 111 24.46 19.53 24.68
CA ARG A 111 24.63 19.23 26.09
C ARG A 111 23.27 19.31 26.77
N ILE A 112 23.01 18.33 27.62
CA ILE A 112 21.80 18.30 28.43
C ILE A 112 22.07 18.94 29.82
N GLU A 113 21.36 20.03 30.11
CA GLU A 113 21.52 20.73 31.39
C GLU A 113 20.53 20.32 32.50
N ASN A 114 19.41 19.68 32.13
CA ASN A 114 18.45 19.09 33.10
C ASN A 114 18.93 17.80 33.73
N ARG A 115 19.16 17.84 35.05
CA ARG A 115 19.67 16.69 35.80
C ARG A 115 18.73 15.48 35.81
N ASP A 116 17.46 15.69 35.47
CA ASP A 116 16.43 14.62 35.50
C ASP A 116 16.23 13.91 34.16
N HIS A 117 16.82 14.46 33.11
CA HIS A 117 16.72 13.91 31.78
C HIS A 117 17.41 12.53 31.65
N PRO A 118 16.80 11.57 30.88
CA PRO A 118 17.38 10.19 30.75
C PRO A 118 18.82 10.13 30.32
N PHE A 119 19.25 11.11 29.54
CA PHE A 119 20.56 11.15 28.93
C PHE A 119 21.50 12.14 29.60
N TYR A 120 21.14 12.67 30.76
CA TYR A 120 22.02 13.63 31.45
C TYR A 120 23.44 13.06 31.68
N GLY A 121 24.46 13.85 31.37
CA GLY A 121 25.84 13.38 31.54
C GLY A 121 26.46 12.85 30.26
N LEU A 122 25.67 12.90 29.18
CA LEU A 122 26.04 12.49 27.82
C LEU A 122 25.99 13.75 26.93
N ASP A 123 27.09 14.08 26.28
CA ASP A 123 27.04 15.07 25.20
C ASP A 123 26.79 14.37 23.84
N PHE A 124 26.20 15.12 22.92
CA PHE A 124 25.94 14.73 21.55
C PHE A 124 26.96 15.41 20.65
N VAL A 125 27.54 14.66 19.72
CA VAL A 125 28.66 15.12 18.93
C VAL A 125 28.55 14.58 17.48
N HIS A 126 28.88 15.41 16.52
CA HIS A 126 28.98 14.96 15.14
C HIS A 126 30.43 14.58 14.81
N THR A 127 30.77 13.32 14.99
CA THR A 127 32.16 12.82 14.82
C THR A 127 32.66 12.89 13.38
N GLU A 128 31.77 13.21 12.41
CA GLU A 128 32.23 13.52 11.06
C GLU A 128 33.05 14.79 11.02
N LEU A 129 32.96 15.59 12.09
CA LEU A 129 33.77 16.80 12.24
C LEU A 129 35.21 16.47 12.69
N SER A 130 35.50 15.21 12.90
CA SER A 130 36.85 14.76 13.18
C SER A 130 37.49 14.28 11.90
N ASP A 131 38.76 14.64 11.74
CA ASP A 131 39.57 14.20 10.61
C ASP A 131 40.22 12.84 10.92
N GLU A 132 40.09 12.34 12.15
CA GLU A 132 40.46 10.94 12.53
C GLU A 132 39.34 9.89 12.20
N ASP A 133 39.73 8.69 11.78
CA ASP A 133 38.83 7.53 11.62
C ASP A 133 38.94 6.66 12.86
N GLY A 134 37.95 5.83 13.15
CA GLY A 134 38.07 4.96 14.28
C GLY A 134 36.93 5.13 15.23
N TRP A 135 36.08 6.13 14.96
CA TRP A 135 34.88 6.38 15.75
C TRP A 135 33.88 5.27 15.67
N SER A 136 33.08 5.09 16.70
CA SER A 136 31.93 4.20 16.57
C SER A 136 31.08 4.55 15.31
N ALA A 137 30.75 3.48 14.58
CA ALA A 137 29.96 3.51 13.35
C ALA A 137 28.49 3.67 13.69
N PRO A 138 27.71 4.30 12.77
CA PRO A 138 26.26 4.48 12.98
C PRO A 138 25.62 3.13 13.09
N GLU A 139 24.59 3.01 13.91
CA GLU A 139 24.02 1.70 14.25
C GLU A 139 22.60 1.55 13.79
N PHE A 140 21.90 2.68 13.62
CA PHE A 140 20.51 2.65 13.18
C PHE A 140 20.20 4.02 12.64
N ALA A 141 18.92 4.20 12.28
CA ALA A 141 18.38 5.50 11.83
C ALA A 141 17.24 5.86 12.74
N ALA A 142 17.24 7.08 13.26
CA ALA A 142 16.23 7.48 14.19
C ALA A 142 15.42 8.66 13.62
N PHE A 143 14.19 8.80 14.14
CA PHE A 143 13.32 9.90 13.76
C PHE A 143 13.19 9.99 12.22
N VAL A 144 12.98 8.86 11.57
CA VAL A 144 12.99 8.78 10.12
C VAL A 144 11.91 9.60 9.43
N SER A 145 10.67 9.50 9.92
CA SER A 145 9.53 10.23 9.33
C SER A 145 9.71 11.76 9.45
N SER A 146 10.53 12.20 10.40
CA SER A 146 10.80 13.60 10.67
C SER A 146 11.54 14.37 9.52
N ILE A 147 12.09 13.62 8.57
CA ILE A 147 12.77 14.21 7.42
C ILE A 147 11.72 14.87 6.53
N ILE A 148 10.47 14.43 6.64
CA ILE A 148 9.34 15.15 5.95
C ILE A 148 9.16 16.61 6.41
N GLU A 149 9.34 16.86 7.70
CA GLU A 149 9.33 18.21 8.26
C GLU A 149 10.40 19.19 7.73
N SER A 150 11.50 18.66 7.16
CA SER A 150 12.55 19.42 6.50
C SER A 150 12.31 19.48 5.00
N GLY A 151 11.19 18.95 4.53
CA GLY A 151 10.84 19.13 3.13
C GLY A 151 11.03 18.00 2.16
N VAL A 152 11.51 16.84 2.61
CA VAL A 152 11.52 15.62 1.81
C VAL A 152 10.07 15.21 1.46
N ASP A 153 9.79 14.98 0.18
CA ASP A 153 8.45 14.52 -0.20
C ASP A 153 8.15 13.14 0.38
N PRO A 154 6.97 12.97 1.04
CA PRO A 154 6.58 11.65 1.57
C PRO A 154 6.55 10.48 0.56
N SER A 155 6.49 10.79 -0.73
CA SER A 155 6.58 9.74 -1.76
C SER A 155 7.99 9.09 -1.76
N ARG A 156 8.97 9.80 -1.20
CA ARG A 156 10.36 9.31 -1.12
C ARG A 156 10.62 8.32 -0.02
N MET A 157 9.73 8.25 0.95
CA MET A 157 9.94 7.51 2.19
C MET A 157 10.30 6.02 2.03
N GLU A 158 9.63 5.36 1.09
CA GLU A 158 9.81 3.91 0.91
C GLU A 158 11.22 3.59 0.38
N ALA A 159 11.70 4.39 -0.57
CA ALA A 159 13.06 4.26 -1.14
C ALA A 159 14.13 4.61 -0.09
N ILE A 160 13.91 5.71 0.61
CA ILE A 160 14.70 6.12 1.75
C ILE A 160 14.79 5.05 2.82
N ARG A 161 13.68 4.43 3.23
CA ARG A 161 13.73 3.34 4.23
C ARG A 161 14.38 2.09 3.77
N ALA A 162 14.22 1.76 2.48
CA ALA A 162 14.78 0.57 1.91
C ALA A 162 16.28 0.72 1.90
N ARG A 163 16.76 1.92 1.54
CA ARG A 163 18.15 2.24 1.44
C ARG A 163 18.84 2.26 2.78
N LEU A 164 18.16 2.77 3.81
CA LEU A 164 18.68 2.64 5.18
C LEU A 164 18.87 1.15 5.52
N ARG A 165 17.86 0.31 5.31
CA ARG A 165 18.00 -1.15 5.58
C ARG A 165 19.17 -1.86 4.82
N GLU A 166 19.46 -1.38 3.61
CA GLU A 166 20.61 -1.85 2.82
C GLU A 166 21.93 -1.49 3.42
N LEU A 167 21.98 -0.36 4.11
CA LEU A 167 23.16 0.04 4.90
C LEU A 167 23.27 -0.62 6.28
N GLY A 168 22.23 -1.32 6.72
CA GLY A 168 22.23 -1.92 8.06
C GLY A 168 21.79 -0.93 9.10
N LEU A 169 21.13 0.14 8.65
CA LEU A 169 20.67 1.15 9.59
C LEU A 169 19.17 0.99 9.76
N GLU A 170 18.75 0.13 10.68
CA GLU A 170 17.33 -0.12 10.81
C GLU A 170 16.61 1.20 11.05
N PRO A 171 15.60 1.52 10.22
CA PRO A 171 14.88 2.80 10.44
C PRO A 171 13.80 2.71 11.50
N TYR A 172 13.79 3.69 12.40
CA TYR A 172 12.76 3.84 13.42
C TYR A 172 12.28 5.25 13.32
N ASP A 173 11.03 5.45 13.70
CA ASP A 173 10.47 6.80 13.73
C ASP A 173 10.69 7.50 15.07
N ALA A 174 11.27 6.77 16.02
CA ALA A 174 11.77 7.32 17.24
C ALA A 174 13.26 6.91 17.36
N LEU A 175 13.72 6.59 18.55
CA LEU A 175 15.05 6.01 18.73
C LEU A 175 14.91 4.51 18.54
N SER A 176 15.96 3.75 18.78
CA SER A 176 15.86 2.31 18.65
C SER A 176 15.16 1.71 19.88
N PRO A 177 14.63 0.46 19.78
CA PRO A 177 13.93 -0.05 20.96
C PRO A 177 14.79 -0.11 22.24
N PRO A 178 16.07 -0.52 22.18
CA PRO A 178 16.83 -0.47 23.45
C PRO A 178 16.90 0.94 24.10
N LEU A 179 17.14 1.98 23.30
CA LEU A 179 17.22 3.35 23.77
C LEU A 179 15.85 3.81 24.24
N MET A 180 14.82 3.35 23.53
CA MET A 180 13.45 3.70 23.92
C MET A 180 13.03 3.06 25.22
N ASP A 181 13.40 1.80 25.43
CA ASP A 181 13.13 1.10 26.69
C ASP A 181 13.96 1.68 27.84
N ALA A 182 15.19 2.12 27.57
CA ALA A 182 16.02 2.82 28.57
C ALA A 182 15.41 4.13 28.98
N ILE A 183 14.83 4.88 28.06
CA ILE A 183 14.23 6.20 28.39
C ILE A 183 12.99 5.97 29.24
N ALA A 184 12.27 4.92 28.89
CA ALA A 184 11.07 4.54 29.59
C ALA A 184 11.39 4.09 31.02
N THR A 185 12.38 3.18 31.16
CA THR A 185 12.90 2.71 32.46
C THR A 185 13.33 3.88 33.38
N HIS A 186 14.16 4.78 32.88
CA HIS A 186 14.38 6.05 33.54
C HIS A 186 13.08 6.71 34.05
N ILE A 187 12.15 7.03 33.15
CA ILE A 187 10.89 7.73 33.50
C ILE A 187 10.05 6.99 34.56
N ALA A 188 10.00 5.66 34.46
CA ALA A 188 9.20 4.86 35.35
C ALA A 188 9.78 4.90 36.77
N LYS A 189 11.08 4.60 36.90
CA LYS A 189 11.86 4.65 38.18
C LYS A 189 11.75 5.97 39.00
N ARG A 190 11.66 7.09 38.29
CA ARG A 190 11.44 8.40 38.87
C ARG A 190 9.99 8.59 39.29
N SER A 191 9.04 8.03 38.56
CA SER A 191 7.64 8.41 38.74
C SER A 191 6.97 7.56 39.82
N GLY A 192 7.70 6.55 40.29
CA GLY A 192 7.14 5.58 41.20
C GLY A 192 7.03 4.25 40.51
N ALA A 193 6.39 4.27 39.33
CA ALA A 193 5.90 3.08 38.58
C ALA A 193 6.80 1.87 38.49
N LEU A 194 8.11 2.05 38.64
CA LEU A 194 9.02 0.92 38.56
C LEU A 194 10.02 0.95 39.73
N ALA A 195 10.23 -0.22 40.35
CA ALA A 195 10.89 -0.33 41.66
C ALA A 195 12.35 0.17 41.74
N ALA A 196 12.69 0.70 42.93
CA ALA A 196 14.06 1.06 43.36
C ALA A 196 14.75 2.14 42.50
N GLY B 1 -13.71 17.92 0.81
CA GLY B 1 -12.58 17.12 1.40
C GLY B 1 -12.45 15.86 0.56
N HIS B 2 -11.24 15.27 0.56
CA HIS B 2 -10.70 14.34 -0.46
C HIS B 2 -9.64 13.37 0.16
N MET B 3 -9.54 12.14 -0.38
CA MET B 3 -8.50 11.15 0.01
C MET B 3 -7.21 11.11 -0.87
N VAL B 4 -7.31 11.23 -2.18
CA VAL B 4 -6.11 11.26 -3.00
C VAL B 4 -6.06 12.51 -3.85
N ASP B 5 -4.87 13.14 -3.89
CA ASP B 5 -4.61 14.36 -4.69
C ASP B 5 -4.60 14.08 -6.18
N THR B 6 -5.52 14.75 -6.84
CA THR B 6 -5.95 14.41 -8.16
C THR B 6 -5.58 15.61 -9.02
N SER B 7 -4.91 16.57 -8.40
CA SER B 7 -4.56 17.87 -9.03
C SER B 7 -3.70 17.61 -10.24
N GLY B 8 -4.05 18.23 -11.36
CA GLY B 8 -3.20 18.18 -12.55
C GLY B 8 -3.28 16.93 -13.40
N VAL B 9 -4.08 15.96 -12.95
CA VAL B 9 -4.36 14.71 -13.69
C VAL B 9 -5.30 15.02 -14.86
N LYS B 10 -4.74 14.86 -16.02
CA LYS B 10 -5.42 14.98 -17.28
C LYS B 10 -5.69 13.56 -17.83
N ILE B 11 -6.91 13.31 -18.31
CA ILE B 11 -7.33 12.01 -18.90
C ILE B 11 -7.44 12.05 -20.46
N HIS B 12 -8.22 13.00 -20.96
CA HIS B 12 -8.60 13.17 -22.38
C HIS B 12 -9.39 14.45 -22.39
N PRO B 13 -9.10 15.36 -23.37
CA PRO B 13 -9.77 16.68 -23.46
C PRO B 13 -11.31 16.62 -23.46
N ALA B 14 -11.91 15.53 -23.89
CA ALA B 14 -13.36 15.35 -23.87
C ALA B 14 -13.96 15.08 -22.49
N VAL B 15 -13.08 14.80 -21.52
CA VAL B 15 -13.54 14.56 -20.14
C VAL B 15 -12.90 15.47 -19.08
N ASP B 16 -11.87 16.22 -19.45
CA ASP B 16 -11.02 17.00 -18.51
C ASP B 16 -11.69 18.30 -18.10
N ASN B 17 -12.51 18.88 -18.98
CA ASN B 17 -13.21 20.11 -18.67
C ASN B 17 -14.71 20.03 -18.93
N GLY B 18 -15.35 19.00 -18.37
CA GLY B 18 -16.78 18.78 -18.57
C GLY B 18 -16.98 17.70 -19.63
N ILE B 19 -17.92 16.80 -19.38
CA ILE B 19 -18.26 15.77 -20.31
C ILE B 19 -19.62 16.28 -20.89
N LYS B 20 -19.75 16.32 -22.20
CA LYS B 20 -21.04 16.64 -22.82
C LYS B 20 -21.96 15.44 -22.76
N PRO B 21 -23.22 15.59 -22.25
CA PRO B 21 -24.15 14.47 -22.31
C PRO B 21 -24.68 14.21 -23.75
N ALA B 22 -25.25 13.03 -23.92
CA ALA B 22 -26.08 12.69 -24.99
C ALA B 22 -27.26 13.70 -25.03
N GLN B 23 -27.84 13.90 -26.22
CA GLN B 23 -29.10 14.63 -26.34
C GLN B 23 -30.15 13.67 -26.96
N PRO B 24 -31.47 13.97 -26.80
CA PRO B 24 -32.52 13.02 -27.23
C PRO B 24 -32.74 13.01 -28.74
N GLY B 25 -33.07 11.84 -29.29
CA GLY B 25 -33.26 11.75 -30.73
C GLY B 25 -32.03 12.07 -31.58
N PHE B 26 -30.84 12.15 -30.93
CA PHE B 26 -29.56 12.20 -31.64
C PHE B 26 -29.38 11.03 -32.63
N ALA B 27 -29.16 11.36 -33.90
CA ALA B 27 -29.12 10.31 -34.92
C ALA B 27 -27.82 10.33 -35.72
N GLY B 28 -26.79 10.98 -35.15
CA GLY B 28 -25.47 10.85 -35.71
C GLY B 28 -24.92 12.09 -36.36
N GLY B 29 -23.92 11.88 -37.19
CA GLY B 29 -23.17 13.01 -37.72
C GLY B 29 -21.99 12.55 -38.53
N THR B 30 -21.01 13.42 -38.56
CA THR B 30 -19.85 13.30 -39.41
C THR B 30 -18.56 13.42 -38.61
N LEU B 31 -17.69 12.44 -38.81
CA LEU B 31 -16.38 12.46 -38.21
C LEU B 31 -15.43 12.98 -39.27
N HIS B 32 -14.58 13.93 -38.91
CA HIS B 32 -13.57 14.47 -39.82
C HIS B 32 -12.12 14.26 -39.28
N CYS B 33 -11.17 13.97 -40.15
CA CYS B 33 -9.79 13.86 -39.68
C CYS B 33 -9.21 15.30 -39.46
N LYS B 34 -7.95 15.44 -39.05
CA LYS B 34 -7.36 16.75 -38.72
C LYS B 34 -6.58 17.50 -39.82
N CYS B 35 -6.77 17.12 -41.06
CA CYS B 35 -6.14 17.76 -42.19
C CYS B 35 -6.82 19.08 -42.52
N SER B 36 -6.01 20.14 -42.67
CA SER B 36 -6.48 21.44 -43.14
C SER B 36 -7.28 21.44 -44.45
N THR B 37 -6.94 20.51 -45.34
CA THR B 37 -7.40 20.54 -46.73
C THR B 37 -7.76 19.13 -47.05
N ASN B 38 -8.97 18.96 -47.58
CA ASN B 38 -9.46 17.67 -48.01
C ASN B 38 -9.48 16.60 -46.90
N PRO B 39 -10.11 16.90 -45.74
CA PRO B 39 -10.14 15.84 -44.71
C PRO B 39 -10.86 14.52 -45.09
N VAL B 40 -10.44 13.42 -44.49
CA VAL B 40 -11.31 12.26 -44.56
C VAL B 40 -12.62 12.64 -43.87
N ARG B 41 -13.77 12.33 -44.45
CA ARG B 41 -15.03 12.56 -43.75
C ARG B 41 -15.70 11.23 -43.69
N VAL B 42 -16.18 10.85 -42.51
CA VAL B 42 -16.96 9.62 -42.38
C VAL B 42 -18.28 9.93 -41.64
N ALA B 43 -19.38 9.57 -42.27
CA ALA B 43 -20.71 9.71 -41.71
C ALA B 43 -20.94 8.59 -40.73
N VAL B 44 -21.56 8.92 -39.61
CA VAL B 44 -21.96 7.93 -38.60
C VAL B 44 -23.42 8.28 -38.33
N ARG B 45 -24.31 7.39 -38.71
CA ARG B 45 -25.69 7.77 -38.94
C ARG B 45 -26.53 7.07 -37.94
N ALA B 46 -25.99 6.87 -36.74
CA ALA B 46 -26.80 6.48 -35.61
C ALA B 46 -26.09 6.96 -34.33
N GLN B 47 -26.81 6.94 -33.22
CA GLN B 47 -26.25 7.21 -31.92
C GLN B 47 -25.26 6.09 -31.69
N THR B 48 -24.20 6.32 -30.92
CA THR B 48 -23.23 5.29 -30.56
C THR B 48 -23.63 4.63 -29.25
N ALA B 49 -22.96 3.56 -28.83
CA ALA B 49 -23.22 2.91 -27.55
C ALA B 49 -21.85 2.67 -26.99
N HIS B 50 -21.75 2.46 -25.67
CA HIS B 50 -20.48 2.08 -25.01
C HIS B 50 -19.30 3.00 -25.28
N ASN B 51 -19.56 4.31 -25.25
CA ASN B 51 -18.49 5.26 -25.25
C ASN B 51 -17.76 5.10 -23.91
N HIS B 52 -16.46 5.36 -23.97
CA HIS B 52 -15.60 4.98 -22.92
C HIS B 52 -14.26 5.56 -23.18
N VAL B 53 -13.53 5.88 -22.13
CA VAL B 53 -12.11 6.13 -22.26
C VAL B 53 -11.33 4.80 -22.19
N CYS B 54 -10.25 4.74 -22.96
CA CYS B 54 -9.50 3.52 -23.11
C CYS B 54 -8.01 3.80 -23.06
N GLY B 55 -7.30 3.11 -22.19
CA GLY B 55 -5.86 3.31 -22.18
C GLY B 55 -4.96 2.35 -22.96
N CYS B 56 -5.53 1.49 -23.78
CA CYS B 56 -4.69 0.65 -24.62
C CYS B 56 -3.81 1.42 -25.61
N THR B 57 -2.75 0.76 -26.03
CA THR B 57 -1.73 1.32 -26.90
C THR B 57 -2.20 1.36 -28.37
N LYS B 58 -3.24 0.63 -28.69
CA LYS B 58 -3.78 0.61 -30.04
C LYS B 58 -4.74 1.73 -30.43
N CYS B 59 -5.44 2.38 -29.49
CA CYS B 59 -6.40 3.46 -29.94
C CYS B 59 -5.71 4.74 -30.19
N TRP B 60 -6.29 5.52 -31.08
CA TRP B 60 -5.84 6.89 -31.35
C TRP B 60 -6.30 7.83 -30.20
N LYS B 61 -5.44 8.82 -29.89
CA LYS B 61 -5.55 9.73 -28.77
C LYS B 61 -5.09 11.06 -29.28
N PRO B 62 -5.84 12.13 -28.98
CA PRO B 62 -5.36 13.42 -29.39
C PRO B 62 -4.04 13.63 -28.67
N GLU B 63 -3.17 14.47 -29.20
CA GLU B 63 -1.88 14.59 -28.57
C GLU B 63 -2.02 15.30 -27.21
N GLY B 64 -1.18 14.92 -26.27
CA GLY B 64 -1.45 15.28 -24.89
C GLY B 64 -2.06 14.08 -24.17
N ALA B 65 -3.15 13.54 -24.72
CA ALA B 65 -4.06 12.67 -24.01
C ALA B 65 -3.33 11.37 -23.63
N ILE B 66 -3.46 10.94 -22.38
CA ILE B 66 -3.04 9.57 -22.06
C ILE B 66 -4.15 8.55 -22.28
N PHE B 67 -5.37 9.01 -22.43
CA PHE B 67 -6.45 8.03 -22.72
C PHE B 67 -7.02 8.36 -24.07
N SER B 68 -7.64 7.38 -24.65
CA SER B 68 -8.38 7.53 -25.89
C SER B 68 -9.89 7.53 -25.52
N GLN B 69 -10.70 8.23 -26.31
CA GLN B 69 -12.14 8.14 -26.18
C GLN B 69 -12.74 7.40 -27.39
N VAL B 70 -13.43 6.30 -27.17
CA VAL B 70 -13.84 5.47 -28.26
C VAL B 70 -15.22 4.79 -28.01
N ALA B 71 -16.11 4.83 -29.02
CA ALA B 71 -17.44 4.25 -28.92
C ALA B 71 -17.64 3.27 -30.05
N VAL B 72 -18.82 2.67 -30.09
CA VAL B 72 -19.14 1.58 -30.99
C VAL B 72 -20.48 1.96 -31.69
N VAL B 73 -20.60 1.59 -32.95
CA VAL B 73 -21.79 1.84 -33.74
C VAL B 73 -21.91 0.60 -34.66
N GLY B 74 -23.13 0.17 -34.96
CA GLY B 74 -23.33 -0.88 -36.00
C GLY B 74 -22.70 -0.44 -37.30
N ARG B 75 -21.93 -1.33 -37.91
CA ARG B 75 -21.17 -0.97 -39.13
C ARG B 75 -22.05 -0.50 -40.30
N ASP B 76 -23.30 -0.96 -40.34
CA ASP B 76 -24.17 -0.55 -41.42
C ASP B 76 -24.60 0.94 -41.30
N ALA B 77 -24.29 1.56 -40.15
CA ALA B 77 -24.49 2.99 -39.94
C ALA B 77 -23.26 3.83 -40.32
N LEU B 78 -22.18 3.20 -40.74
CA LEU B 78 -20.91 3.93 -40.95
C LEU B 78 -20.58 4.07 -42.45
N GLU B 79 -20.21 5.27 -42.89
CA GLU B 79 -19.86 5.43 -44.31
C GLU B 79 -18.74 6.44 -44.55
N VAL B 80 -17.71 6.08 -45.30
CA VAL B 80 -16.67 7.05 -45.71
C VAL B 80 -17.18 7.93 -46.86
N LEU B 81 -17.09 9.24 -46.71
CA LEU B 81 -17.73 10.15 -47.64
C LEU B 81 -16.74 10.84 -48.56
N GLU B 82 -15.58 11.20 -48.02
CA GLU B 82 -14.44 11.71 -48.75
C GLU B 82 -13.14 11.10 -48.22
N GLY B 83 -12.06 11.25 -48.96
CA GLY B 83 -10.73 10.87 -48.51
C GLY B 83 -10.53 9.39 -48.28
N ALA B 84 -11.16 8.50 -49.04
CA ALA B 84 -10.89 7.06 -48.84
C ALA B 84 -9.48 6.68 -49.30
N GLU B 85 -8.95 7.41 -50.29
CA GLU B 85 -7.56 7.23 -50.70
C GLU B 85 -6.50 7.63 -49.64
N LYS B 86 -6.86 8.52 -48.72
CA LYS B 86 -5.99 8.95 -47.66
C LYS B 86 -5.97 7.97 -46.54
N LEU B 87 -6.85 7.00 -46.49
CA LEU B 87 -6.78 6.09 -45.40
C LEU B 87 -5.87 4.92 -45.65
N GLU B 88 -5.29 4.39 -44.58
CA GLU B 88 -4.49 3.17 -44.60
C GLU B 88 -4.91 2.33 -43.38
N ILE B 89 -4.85 1.01 -43.43
CA ILE B 89 -5.14 0.14 -42.27
C ILE B 89 -3.85 0.05 -41.50
N VAL B 90 -3.86 0.30 -40.21
CA VAL B 90 -2.65 0.38 -39.40
C VAL B 90 -1.94 -1.02 -39.32
N ASN B 91 -2.74 -2.00 -38.90
CA ASN B 91 -2.38 -3.38 -38.71
C ASN B 91 -3.58 -4.25 -39.11
N ALA B 92 -3.47 -4.87 -40.29
CA ALA B 92 -4.47 -5.76 -40.91
C ALA B 92 -4.63 -7.09 -40.21
N GLU B 93 -3.73 -7.43 -39.30
CA GLU B 93 -3.86 -8.68 -38.53
C GLU B 93 -4.41 -8.44 -37.14
N ALA B 94 -4.69 -7.20 -36.79
CA ALA B 94 -5.34 -6.99 -35.52
C ALA B 94 -6.77 -7.40 -35.69
N PRO B 95 -7.39 -7.93 -34.61
CA PRO B 95 -8.85 -8.22 -34.60
C PRO B 95 -9.72 -6.98 -35.00
N ILE B 96 -9.30 -5.77 -34.60
CA ILE B 96 -9.88 -4.50 -35.01
C ILE B 96 -8.88 -3.80 -35.89
N GLN B 97 -9.30 -3.54 -37.13
CA GLN B 97 -8.47 -2.98 -38.15
C GLN B 97 -8.72 -1.50 -38.10
N ARG B 98 -7.69 -0.76 -37.73
CA ARG B 98 -7.88 0.64 -37.56
C ARG B 98 -7.54 1.34 -38.87
N HIS B 99 -8.46 2.19 -39.34
CA HIS B 99 -8.28 2.92 -40.60
C HIS B 99 -7.88 4.30 -40.20
N ARG B 100 -6.75 4.76 -40.72
CA ARG B 100 -6.11 5.93 -40.19
C ARG B 100 -5.71 6.80 -41.35
N CYS B 101 -5.83 8.10 -41.21
CA CYS B 101 -5.38 8.98 -42.27
C CYS B 101 -3.88 9.02 -42.36
N ARG B 102 -3.36 8.72 -43.53
CA ARG B 102 -1.91 8.85 -43.75
C ARG B 102 -1.28 10.20 -43.52
N ASP B 103 -2.00 11.30 -43.72
CA ASP B 103 -1.39 12.64 -43.61
C ASP B 103 -1.42 13.29 -42.22
N CYS B 104 -2.45 13.00 -41.43
CA CYS B 104 -2.57 13.57 -40.11
C CYS B 104 -2.51 12.50 -39.01
N GLY B 105 -2.69 11.22 -39.35
CA GLY B 105 -2.54 10.12 -38.35
C GLY B 105 -3.77 9.74 -37.54
N VAL B 106 -4.83 10.48 -37.73
CA VAL B 106 -6.10 10.28 -37.05
C VAL B 106 -6.81 9.04 -37.54
N HIS B 107 -7.34 8.22 -36.63
CA HIS B 107 -8.04 6.98 -36.97
C HIS B 107 -9.48 7.34 -37.15
N MET B 108 -10.05 6.97 -38.29
CA MET B 108 -11.41 7.36 -38.68
C MET B 108 -12.43 6.32 -38.32
N TYR B 109 -12.02 5.06 -38.36
CA TYR B 109 -12.77 4.02 -37.72
C TYR B 109 -11.92 2.77 -37.56
N GLY B 110 -12.53 1.71 -37.04
CA GLY B 110 -11.91 0.46 -36.76
C GLY B 110 -12.98 -0.58 -36.99
N ARG B 111 -12.70 -1.54 -37.86
CA ARG B 111 -13.65 -2.51 -38.29
C ARG B 111 -13.26 -3.95 -37.91
N ILE B 112 -14.20 -4.75 -37.46
CA ILE B 112 -13.96 -6.16 -37.14
C ILE B 112 -14.30 -7.05 -38.36
N GLU B 113 -13.30 -7.63 -39.02
CA GLU B 113 -13.55 -8.44 -40.22
C GLU B 113 -13.90 -9.90 -39.95
N ASN B 114 -13.41 -10.44 -38.84
CA ASN B 114 -13.66 -11.81 -38.44
C ASN B 114 -15.10 -11.97 -37.91
N ARG B 115 -15.89 -12.72 -38.68
CA ARG B 115 -17.27 -13.04 -38.31
C ARG B 115 -17.46 -13.73 -36.94
N ASP B 116 -16.41 -14.34 -36.38
CA ASP B 116 -16.55 -14.99 -35.06
C ASP B 116 -16.08 -14.15 -33.83
N HIS B 117 -15.51 -12.99 -34.08
CA HIS B 117 -15.27 -12.00 -33.03
C HIS B 117 -16.60 -11.58 -32.32
N PRO B 118 -16.64 -11.62 -30.95
CA PRO B 118 -17.86 -11.22 -30.22
C PRO B 118 -18.45 -9.86 -30.58
N PHE B 119 -17.64 -8.95 -31.15
CA PHE B 119 -18.05 -7.60 -31.55
C PHE B 119 -18.17 -7.45 -33.05
N TYR B 120 -18.12 -8.56 -33.78
CA TYR B 120 -18.40 -8.56 -35.20
C TYR B 120 -19.68 -7.78 -35.48
N GLY B 121 -19.64 -6.79 -36.38
CA GLY B 121 -20.84 -6.03 -36.70
C GLY B 121 -20.91 -4.69 -36.00
N LEU B 122 -19.98 -4.43 -35.07
CA LEU B 122 -19.79 -3.08 -34.52
C LEU B 122 -18.48 -2.47 -35.11
N ASP B 123 -18.57 -1.21 -35.57
CA ASP B 123 -17.39 -0.35 -35.78
C ASP B 123 -17.06 0.46 -34.52
N PHE B 124 -15.79 0.89 -34.40
CA PHE B 124 -15.26 1.67 -33.31
C PHE B 124 -14.94 3.01 -33.89
N VAL B 125 -15.39 4.08 -33.22
CA VAL B 125 -15.22 5.44 -33.72
C VAL B 125 -14.89 6.40 -32.57
N HIS B 126 -14.10 7.43 -32.91
CA HIS B 126 -13.75 8.54 -32.04
C HIS B 126 -14.69 9.75 -32.23
N THR B 127 -15.79 9.76 -31.51
CA THR B 127 -16.84 10.75 -31.76
C THR B 127 -16.37 12.12 -31.44
N GLU B 128 -15.24 12.23 -30.75
CA GLU B 128 -14.57 13.53 -30.66
C GLU B 128 -14.17 14.19 -32.00
N LEU B 129 -14.13 13.41 -33.07
CA LEU B 129 -13.78 13.92 -34.41
C LEU B 129 -14.99 14.60 -35.08
N SER B 130 -16.17 14.52 -34.42
CA SER B 130 -17.34 15.21 -34.92
C SER B 130 -17.45 16.58 -34.31
N ASP B 131 -18.01 17.49 -35.10
CA ASP B 131 -18.30 18.85 -34.65
C ASP B 131 -19.65 19.00 -33.93
N GLU B 132 -20.52 18.02 -34.08
CA GLU B 132 -21.78 17.95 -33.36
C GLU B 132 -21.58 17.39 -31.93
N ASP B 133 -22.42 17.83 -31.00
CA ASP B 133 -22.53 17.26 -29.66
C ASP B 133 -23.83 16.47 -29.57
N GLY B 134 -23.97 15.59 -28.60
CA GLY B 134 -25.19 14.84 -28.38
C GLY B 134 -24.86 13.39 -28.51
N TRP B 135 -23.59 13.13 -28.85
CA TRP B 135 -23.04 11.78 -28.90
C TRP B 135 -23.14 11.18 -27.55
N SER B 136 -23.35 9.88 -27.51
CA SER B 136 -23.51 9.21 -26.27
C SER B 136 -22.18 9.34 -25.45
N ALA B 137 -22.27 9.40 -24.12
CA ALA B 137 -21.16 9.92 -23.29
C ALA B 137 -20.32 8.78 -22.72
N PRO B 138 -19.02 9.03 -22.40
CA PRO B 138 -18.20 7.89 -21.86
C PRO B 138 -18.77 7.37 -20.56
N GLU B 139 -18.67 6.07 -20.31
CA GLU B 139 -19.37 5.49 -19.16
C GLU B 139 -18.40 4.84 -18.21
N PHE B 140 -17.19 4.57 -18.69
CA PHE B 140 -16.20 3.87 -17.90
C PHE B 140 -14.87 4.04 -18.52
N ALA B 141 -13.87 3.49 -17.83
CA ALA B 141 -12.50 3.49 -18.31
C ALA B 141 -12.04 2.09 -18.49
N ALA B 142 -11.48 1.83 -19.67
CA ALA B 142 -11.04 0.48 -20.02
C ALA B 142 -9.53 0.43 -20.11
N PHE B 143 -8.99 -0.75 -19.91
CA PHE B 143 -7.53 -1.00 -20.10
C PHE B 143 -6.63 0.06 -19.43
N VAL B 144 -6.96 0.38 -18.21
CA VAL B 144 -6.33 1.44 -17.48
C VAL B 144 -4.83 1.21 -17.24
N SER B 145 -4.46 -0.01 -16.81
CA SER B 145 -3.06 -0.37 -16.51
C SER B 145 -2.18 -0.26 -17.77
N SER B 146 -2.84 -0.28 -18.95
CA SER B 146 -2.16 -0.33 -20.22
C SER B 146 -1.52 0.97 -20.58
N ILE B 147 -1.82 1.99 -19.80
CA ILE B 147 -1.32 3.32 -20.09
C ILE B 147 0.13 3.33 -19.71
N ILE B 148 0.54 2.39 -18.83
CA ILE B 148 1.93 2.24 -18.49
C ILE B 148 2.79 1.80 -19.66
N GLU B 149 2.25 0.90 -20.49
CA GLU B 149 2.89 0.51 -21.73
C GLU B 149 3.07 1.65 -22.74
N SER B 150 2.38 2.76 -22.57
CA SER B 150 2.60 3.95 -23.36
C SER B 150 3.53 4.97 -22.69
N GLY B 151 4.19 4.58 -21.59
CA GLY B 151 5.18 5.42 -21.01
C GLY B 151 4.74 6.19 -19.79
N VAL B 152 3.53 5.91 -19.27
CA VAL B 152 3.10 6.53 -18.00
C VAL B 152 3.75 5.86 -16.74
N ASP B 153 4.27 6.66 -15.82
CA ASP B 153 4.93 6.10 -14.68
C ASP B 153 3.91 5.38 -13.80
N PRO B 154 4.21 4.14 -13.32
CA PRO B 154 3.27 3.44 -12.45
C PRO B 154 2.98 4.18 -11.16
N SER B 155 3.84 5.12 -10.82
CA SER B 155 3.62 5.94 -9.62
C SER B 155 2.49 6.95 -9.83
N ARG B 156 2.12 7.20 -11.07
CA ARG B 156 0.97 8.06 -11.37
C ARG B 156 -0.41 7.34 -11.22
N MET B 157 -0.39 6.02 -11.03
CA MET B 157 -1.57 5.24 -11.26
C MET B 157 -2.71 5.47 -10.30
N GLU B 158 -2.35 5.74 -9.05
CA GLU B 158 -3.28 6.04 -7.99
C GLU B 158 -4.12 7.29 -8.18
N ALA B 159 -3.46 8.38 -8.52
CA ALA B 159 -4.12 9.64 -8.84
C ALA B 159 -4.93 9.50 -10.13
N ILE B 160 -4.42 8.75 -11.10
CA ILE B 160 -5.12 8.51 -12.34
C ILE B 160 -6.43 7.78 -12.14
N ARG B 161 -6.45 6.66 -11.42
CA ARG B 161 -7.70 5.96 -11.06
C ARG B 161 -8.67 6.72 -10.18
N ALA B 162 -8.11 7.53 -9.27
CA ALA B 162 -8.85 8.41 -8.41
C ALA B 162 -9.58 9.44 -9.25
N ARG B 163 -8.82 10.13 -10.11
CA ARG B 163 -9.36 11.08 -11.05
C ARG B 163 -10.45 10.50 -11.96
N LEU B 164 -10.27 9.26 -12.43
CA LEU B 164 -11.32 8.59 -13.20
C LEU B 164 -12.60 8.30 -12.39
N ARG B 165 -12.48 7.89 -11.14
CA ARG B 165 -13.70 7.73 -10.34
C ARG B 165 -14.35 9.10 -10.09
N GLU B 166 -13.57 10.18 -9.94
CA GLU B 166 -14.15 11.51 -9.72
C GLU B 166 -14.96 11.94 -10.89
N LEU B 167 -14.55 11.52 -12.09
CA LEU B 167 -15.27 11.82 -13.31
C LEU B 167 -16.43 10.85 -13.57
N GLY B 168 -16.57 9.81 -12.75
CA GLY B 168 -17.61 8.84 -12.95
C GLY B 168 -17.25 7.76 -13.96
N LEU B 169 -15.98 7.68 -14.32
CA LEU B 169 -15.51 6.68 -15.29
C LEU B 169 -14.81 5.58 -14.47
N GLU B 170 -15.54 4.57 -14.04
CA GLU B 170 -15.00 3.56 -13.12
C GLU B 170 -13.84 2.86 -13.84
N PRO B 171 -12.61 2.89 -13.28
CA PRO B 171 -11.45 2.26 -13.99
C PRO B 171 -11.45 0.74 -13.97
N TYR B 172 -11.33 0.11 -15.13
CA TYR B 172 -11.14 -1.33 -15.25
C TYR B 172 -9.83 -1.58 -16.01
N ASP B 173 -9.18 -2.71 -15.76
CA ASP B 173 -7.95 -3.11 -16.47
C ASP B 173 -8.16 -3.91 -17.72
N ALA B 174 -9.44 -4.29 -17.94
CA ALA B 174 -9.97 -4.83 -19.20
C ALA B 174 -11.16 -3.94 -19.60
N LEU B 175 -12.31 -4.54 -19.99
CA LEU B 175 -13.53 -3.75 -20.28
C LEU B 175 -14.41 -3.78 -19.07
N SER B 176 -15.61 -3.22 -19.18
CA SER B 176 -16.53 -3.17 -18.02
C SER B 176 -17.01 -4.57 -17.79
N PRO B 177 -17.50 -4.88 -16.56
CA PRO B 177 -18.01 -6.22 -16.36
C PRO B 177 -19.12 -6.65 -17.36
N PRO B 178 -20.17 -5.81 -17.63
CA PRO B 178 -21.15 -6.16 -18.68
C PRO B 178 -20.56 -6.67 -20.00
N LEU B 179 -19.63 -5.90 -20.57
CA LEU B 179 -18.92 -6.21 -21.78
C LEU B 179 -18.03 -7.40 -21.65
N MET B 180 -17.32 -7.58 -20.54
CA MET B 180 -16.59 -8.83 -20.34
C MET B 180 -17.48 -10.08 -20.24
N ASP B 181 -18.64 -9.97 -19.61
CA ASP B 181 -19.60 -11.09 -19.55
C ASP B 181 -20.19 -11.35 -20.95
N ALA B 182 -20.57 -10.28 -21.67
CA ALA B 182 -20.96 -10.40 -23.09
C ALA B 182 -19.92 -11.12 -23.91
N ILE B 183 -18.64 -10.72 -23.85
CA ILE B 183 -17.58 -11.47 -24.53
C ILE B 183 -17.50 -12.96 -24.09
N ALA B 184 -17.65 -13.27 -22.80
CA ALA B 184 -17.48 -14.66 -22.31
C ALA B 184 -18.64 -15.59 -22.76
N THR B 185 -19.88 -15.09 -22.68
CA THR B 185 -21.10 -15.60 -23.33
C THR B 185 -20.92 -16.03 -24.82
N HIS B 186 -20.45 -15.12 -25.67
CA HIS B 186 -20.11 -15.43 -27.04
C HIS B 186 -19.17 -16.62 -27.12
N ILE B 187 -18.02 -16.50 -26.47
CA ILE B 187 -17.09 -17.62 -26.37
C ILE B 187 -17.77 -18.91 -25.91
N ALA B 188 -18.59 -18.86 -24.86
CA ALA B 188 -19.19 -20.06 -24.27
C ALA B 188 -20.28 -20.70 -25.17
N LYS B 189 -21.09 -19.86 -25.81
CA LYS B 189 -22.05 -20.32 -26.84
C LYS B 189 -21.33 -20.92 -28.10
N ARG B 190 -20.25 -20.28 -28.55
CA ARG B 190 -19.46 -20.74 -29.67
C ARG B 190 -18.71 -22.06 -29.38
N SER B 191 -18.32 -22.32 -28.13
CA SER B 191 -17.57 -23.55 -27.79
C SER B 191 -18.52 -24.62 -27.25
N GLY B 192 -19.79 -24.24 -27.17
CA GLY B 192 -20.82 -25.16 -26.74
C GLY B 192 -20.87 -25.38 -25.25
N ALA B 193 -20.00 -24.70 -24.49
CA ALA B 193 -19.99 -24.81 -23.03
C ALA B 193 -21.29 -24.25 -22.39
N LEU B 194 -21.93 -23.33 -23.12
CA LEU B 194 -23.23 -22.77 -22.79
C LEU B 194 -24.23 -23.07 -23.91
N ALA B 195 -25.43 -23.48 -23.50
CA ALA B 195 -26.52 -23.79 -24.43
C ALA B 195 -26.88 -22.58 -25.31
N ALA B 196 -26.62 -22.71 -26.63
CA ALA B 196 -26.75 -21.64 -27.64
C ALA B 196 -27.74 -20.49 -27.35
N MET C 3 -30.20 -6.87 -0.83
CA MET C 3 -30.90 -6.70 -2.14
C MET C 3 -30.70 -7.95 -3.03
N VAL C 4 -29.46 -8.12 -3.52
CA VAL C 4 -29.02 -9.27 -4.33
C VAL C 4 -28.94 -10.51 -3.44
N ASP C 5 -29.58 -11.60 -3.84
CA ASP C 5 -29.59 -12.78 -2.97
C ASP C 5 -28.34 -13.63 -3.23
N THR C 6 -27.62 -13.91 -2.15
CA THR C 6 -26.31 -14.56 -2.22
C THR C 6 -26.37 -16.01 -1.73
N SER C 7 -27.51 -16.39 -1.13
CA SER C 7 -27.79 -17.77 -0.66
C SER C 7 -27.36 -18.86 -1.61
N GLY C 8 -26.63 -19.82 -1.05
CA GLY C 8 -26.19 -20.97 -1.80
C GLY C 8 -25.22 -20.71 -2.94
N VAL C 9 -24.58 -19.52 -2.97
CA VAL C 9 -23.49 -19.28 -3.94
C VAL C 9 -22.18 -19.83 -3.43
N LYS C 10 -21.63 -20.77 -4.21
CA LYS C 10 -20.32 -21.41 -3.97
C LYS C 10 -19.26 -20.87 -4.95
N ILE C 11 -18.11 -20.47 -4.40
CA ILE C 11 -16.97 -19.94 -5.17
C ILE C 11 -15.87 -21.00 -5.23
N HIS C 12 -15.36 -21.36 -4.05
CA HIS C 12 -14.35 -22.38 -3.91
C HIS C 12 -14.47 -22.87 -2.47
N PRO C 13 -14.19 -24.17 -2.20
CA PRO C 13 -14.27 -24.74 -0.86
C PRO C 13 -13.30 -24.15 0.21
N ALA C 14 -12.17 -23.58 -0.19
CA ALA C 14 -11.28 -22.91 0.74
C ALA C 14 -11.87 -21.63 1.33
N VAL C 15 -12.75 -20.97 0.57
CA VAL C 15 -13.32 -19.67 0.94
C VAL C 15 -14.84 -19.66 1.22
N ASP C 16 -15.53 -20.77 0.99
CA ASP C 16 -16.99 -20.76 1.13
C ASP C 16 -17.50 -20.40 2.54
N ASN C 17 -16.82 -20.89 3.59
CA ASN C 17 -17.09 -20.42 4.95
C ASN C 17 -16.07 -19.37 5.37
N GLY C 18 -15.84 -18.39 4.49
CA GLY C 18 -14.84 -17.34 4.75
C GLY C 18 -13.37 -17.71 4.58
N ILE C 19 -12.52 -16.73 4.86
CA ILE C 19 -11.12 -16.68 4.47
C ILE C 19 -10.24 -17.00 5.65
N LYS C 20 -9.37 -18.00 5.48
CA LYS C 20 -8.42 -18.35 6.56
C LYS C 20 -7.20 -17.42 6.51
N PRO C 21 -6.85 -16.85 7.67
CA PRO C 21 -5.75 -15.91 7.70
C PRO C 21 -4.40 -16.62 7.62
N ALA C 22 -3.40 -15.96 7.07
CA ALA C 22 -2.03 -16.42 7.16
C ALA C 22 -1.56 -16.49 8.62
N GLN C 23 -0.57 -17.32 8.88
CA GLN C 23 0.15 -17.32 10.12
C GLN C 23 1.45 -16.48 9.93
N PRO C 24 1.66 -15.46 10.80
CA PRO C 24 2.96 -14.76 10.81
C PRO C 24 4.10 -15.74 11.18
N GLY C 25 5.19 -15.67 10.43
CA GLY C 25 6.29 -16.59 10.60
C GLY C 25 6.22 -17.87 9.77
N PHE C 26 5.12 -18.05 9.04
CA PHE C 26 4.87 -19.29 8.32
C PHE C 26 6.02 -19.42 7.35
N ALA C 27 6.67 -20.58 7.40
CA ALA C 27 7.86 -20.88 6.65
C ALA C 27 7.62 -21.90 5.53
N GLY C 28 6.36 -22.22 5.25
CA GLY C 28 6.09 -23.15 4.18
C GLY C 28 5.50 -24.47 4.66
N GLY C 29 5.52 -25.46 3.78
CA GLY C 29 4.88 -26.73 4.06
C GLY C 29 4.94 -27.63 2.85
N THR C 30 4.04 -28.59 2.77
CA THR C 30 4.14 -29.56 1.68
C THR C 30 2.82 -29.88 0.93
N LEU C 31 2.86 -29.69 -0.39
CA LEU C 31 1.76 -30.04 -1.29
C LEU C 31 1.82 -31.51 -1.71
N HIS C 32 0.68 -32.21 -1.63
CA HIS C 32 0.54 -33.53 -2.33
C HIS C 32 -0.70 -33.62 -3.20
N CYS C 33 -0.53 -34.32 -4.33
CA CYS C 33 -1.63 -34.75 -5.20
C CYS C 33 -2.69 -35.64 -4.50
N LYS C 34 -3.70 -36.05 -5.26
CA LYS C 34 -4.88 -36.68 -4.67
C LYS C 34 -4.86 -38.23 -4.68
N CYS C 35 -3.79 -38.82 -5.24
CA CYS C 35 -3.49 -40.24 -5.27
C CYS C 35 -3.40 -40.86 -3.89
N SER C 36 -4.03 -42.03 -3.75
CA SER C 36 -4.09 -42.81 -2.50
C SER C 36 -2.77 -43.53 -2.17
N THR C 37 -1.99 -43.83 -3.20
CA THR C 37 -0.70 -44.49 -2.99
C THR C 37 0.39 -43.82 -3.83
N ASN C 38 1.55 -43.60 -3.21
CA ASN C 38 2.67 -42.84 -3.82
C ASN C 38 2.25 -41.50 -4.44
N PRO C 39 1.83 -40.54 -3.59
CA PRO C 39 1.38 -39.27 -4.17
C PRO C 39 2.57 -38.45 -4.66
N VAL C 40 2.33 -37.57 -5.62
CA VAL C 40 3.31 -36.52 -5.89
C VAL C 40 3.42 -35.64 -4.62
N ARG C 41 4.65 -35.46 -4.12
CA ARG C 41 4.88 -34.57 -2.97
C ARG C 41 5.81 -33.41 -3.35
N VAL C 42 5.31 -32.19 -3.16
CA VAL C 42 6.06 -30.99 -3.50
C VAL C 42 6.39 -30.16 -2.24
N ALA C 43 7.67 -29.88 -2.04
CA ALA C 43 8.03 -29.03 -0.92
C ALA C 43 7.98 -27.57 -1.37
N VAL C 44 7.38 -26.74 -0.53
CA VAL C 44 7.30 -25.29 -0.71
C VAL C 44 7.90 -24.73 0.58
N ARG C 45 9.10 -24.19 0.50
CA ARG C 45 9.82 -23.78 1.70
C ARG C 45 9.89 -22.28 1.80
N ALA C 46 8.79 -21.61 1.42
CA ALA C 46 8.54 -20.21 1.73
C ALA C 46 7.02 -19.94 1.79
N GLN C 47 6.67 -18.82 2.40
CA GLN C 47 5.32 -18.33 2.39
C GLN C 47 4.99 -17.94 0.92
N THR C 48 3.70 -18.08 0.57
CA THR C 48 3.21 -17.77 -0.79
C THR C 48 2.87 -16.27 -0.90
N ALA C 49 2.53 -15.77 -2.09
CA ALA C 49 2.05 -14.39 -2.20
C ALA C 49 0.95 -14.32 -3.25
N HIS C 50 0.15 -13.26 -3.24
CA HIS C 50 -0.91 -13.07 -4.20
C HIS C 50 -1.85 -14.25 -4.35
N ASN C 51 -2.24 -14.87 -3.24
CA ASN C 51 -3.21 -15.94 -3.29
C ASN C 51 -4.55 -15.33 -3.65
N HIS C 52 -5.29 -15.95 -4.56
CA HIS C 52 -6.55 -15.40 -4.99
C HIS C 52 -7.39 -16.56 -5.52
N VAL C 53 -8.69 -16.31 -5.77
CA VAL C 53 -9.50 -17.23 -6.54
C VAL C 53 -9.51 -16.81 -7.99
N CYS C 54 -9.41 -17.78 -8.88
CA CYS C 54 -9.23 -17.49 -10.29
C CYS C 54 -10.30 -18.20 -11.13
N GLY C 55 -10.96 -17.43 -11.97
CA GLY C 55 -12.05 -17.93 -12.75
C GLY C 55 -11.65 -18.36 -14.14
N CYS C 56 -10.39 -18.22 -14.49
CA CYS C 56 -9.91 -18.63 -15.81
C CYS C 56 -10.00 -20.16 -15.98
N THR C 57 -10.04 -20.61 -17.23
CA THR C 57 -10.28 -22.02 -17.56
C THR C 57 -9.04 -22.90 -17.43
N LYS C 58 -7.85 -22.30 -17.58
CA LYS C 58 -6.58 -23.05 -17.59
C LYS C 58 -6.27 -23.70 -16.26
N CYS C 59 -6.69 -23.14 -15.12
CA CYS C 59 -6.19 -23.73 -13.87
C CYS C 59 -6.96 -24.86 -13.16
N TRP C 60 -6.29 -25.66 -12.33
CA TRP C 60 -6.92 -26.72 -11.55
C TRP C 60 -7.94 -26.26 -10.50
N LYS C 61 -9.18 -26.74 -10.63
CA LYS C 61 -10.19 -26.51 -9.60
C LYS C 61 -10.57 -27.84 -8.96
N PRO C 62 -10.82 -27.86 -7.64
CA PRO C 62 -11.36 -29.09 -7.07
C PRO C 62 -12.79 -29.36 -7.59
N GLU C 63 -13.19 -30.62 -7.58
CA GLU C 63 -14.46 -31.01 -8.19
C GLU C 63 -15.69 -30.24 -7.69
N GLY C 64 -16.45 -29.72 -8.66
CA GLY C 64 -17.56 -28.83 -8.40
C GLY C 64 -17.30 -27.33 -8.34
N ALA C 65 -16.16 -26.91 -7.75
CA ALA C 65 -15.83 -25.47 -7.53
C ALA C 65 -15.76 -24.74 -8.87
N ILE C 66 -16.45 -23.58 -9.00
CA ILE C 66 -16.26 -22.70 -10.20
C ILE C 66 -14.97 -21.89 -10.27
N PHE C 67 -14.29 -21.77 -9.14
CA PHE C 67 -13.08 -20.98 -9.05
C PHE C 67 -11.90 -21.84 -8.62
N SER C 68 -10.74 -21.44 -9.11
CA SER C 68 -9.47 -21.93 -8.71
C SER C 68 -9.06 -21.09 -7.49
N GLN C 69 -8.28 -21.65 -6.58
CA GLN C 69 -7.53 -20.89 -5.58
C GLN C 69 -6.04 -21.07 -5.85
N VAL C 70 -5.38 -20.05 -6.43
CA VAL C 70 -3.97 -20.15 -6.83
C VAL C 70 -3.10 -19.07 -6.17
N ALA C 71 -1.85 -19.40 -5.91
CA ALA C 71 -0.87 -18.45 -5.35
C ALA C 71 0.45 -18.58 -6.08
N VAL C 72 1.37 -17.76 -5.67
CA VAL C 72 2.64 -17.65 -6.30
C VAL C 72 3.75 -17.88 -5.26
N VAL C 73 4.82 -18.54 -5.68
CA VAL C 73 6.01 -18.62 -4.81
C VAL C 73 7.31 -18.40 -5.62
N GLY C 74 8.38 -17.94 -4.99
CA GLY C 74 9.68 -17.92 -5.65
C GLY C 74 10.07 -19.32 -6.07
N ARG C 75 10.36 -19.49 -7.36
CA ARG C 75 10.74 -20.76 -7.98
C ARG C 75 11.73 -21.65 -7.17
N ASP C 76 12.73 -21.06 -6.50
CA ASP C 76 13.58 -21.97 -5.73
C ASP C 76 13.16 -22.27 -4.28
N ALA C 77 11.91 -22.01 -3.94
CA ALA C 77 11.34 -22.52 -2.71
C ALA C 77 10.68 -23.86 -2.99
N LEU C 78 10.66 -24.24 -4.27
CA LEU C 78 9.92 -25.41 -4.69
C LEU C 78 10.79 -26.58 -5.20
N GLU C 79 10.56 -27.74 -4.60
CA GLU C 79 11.29 -28.96 -4.89
C GLU C 79 10.30 -30.12 -4.90
N VAL C 80 10.24 -30.86 -6.01
CA VAL C 80 9.45 -32.09 -6.01
C VAL C 80 10.19 -33.15 -5.19
N LEU C 81 9.56 -33.63 -4.15
CA LEU C 81 10.19 -34.62 -3.29
C LEU C 81 10.07 -36.00 -3.92
N GLU C 82 8.85 -36.43 -4.19
CA GLU C 82 8.64 -37.74 -4.75
C GLU C 82 7.51 -37.71 -5.80
N GLY C 83 7.60 -38.58 -6.78
CA GLY C 83 6.54 -38.73 -7.75
C GLY C 83 6.74 -37.80 -8.93
N ALA C 84 7.96 -37.28 -9.09
CA ALA C 84 8.32 -36.52 -10.29
C ALA C 84 8.08 -37.33 -11.56
N GLU C 85 8.25 -38.64 -11.48
CA GLU C 85 8.03 -39.51 -12.63
C GLU C 85 6.57 -39.54 -13.09
N LYS C 86 5.63 -39.24 -12.17
CA LYS C 86 4.17 -39.15 -12.52
C LYS C 86 3.70 -37.79 -13.11
N LEU C 87 4.60 -36.83 -13.27
CA LEU C 87 4.23 -35.49 -13.71
C LEU C 87 4.29 -35.33 -15.22
N GLU C 88 3.26 -34.73 -15.77
CA GLU C 88 3.27 -34.32 -17.17
C GLU C 88 2.81 -32.89 -17.27
N ILE C 89 3.26 -32.19 -18.28
CA ILE C 89 2.81 -30.84 -18.59
C ILE C 89 1.50 -30.97 -19.31
N VAL C 90 0.53 -30.12 -18.95
CA VAL C 90 -0.79 -30.16 -19.56
C VAL C 90 -0.64 -29.59 -20.96
N ASN C 91 0.04 -28.46 -21.09
CA ASN C 91 0.23 -27.84 -22.40
C ASN C 91 1.61 -27.16 -22.45
N ALA C 92 2.48 -27.72 -23.30
CA ALA C 92 3.85 -27.21 -23.44
C ALA C 92 3.92 -25.91 -24.23
N GLU C 93 2.87 -25.58 -24.95
CA GLU C 93 2.83 -24.35 -25.71
C GLU C 93 2.53 -23.18 -24.76
N ALA C 94 1.74 -23.47 -23.73
CA ALA C 94 1.20 -22.48 -22.77
C ALA C 94 2.32 -21.70 -22.04
N PRO C 95 2.15 -20.34 -21.89
CA PRO C 95 3.09 -19.46 -21.12
C PRO C 95 3.37 -19.93 -19.68
N ILE C 96 2.35 -20.43 -18.98
CA ILE C 96 2.56 -21.10 -17.71
C ILE C 96 2.39 -22.58 -17.96
N GLN C 97 3.46 -23.36 -17.77
CA GLN C 97 3.42 -24.81 -17.96
C GLN C 97 2.97 -25.52 -16.71
N ARG C 98 1.80 -26.16 -16.81
CA ARG C 98 1.17 -26.79 -15.66
C ARG C 98 1.55 -28.26 -15.46
N HIS C 99 2.35 -28.53 -14.42
CA HIS C 99 2.74 -29.90 -14.15
C HIS C 99 1.62 -30.60 -13.36
N ARG C 100 1.04 -31.60 -14.00
CA ARG C 100 -0.16 -32.24 -13.51
C ARG C 100 0.12 -33.70 -13.21
N CYS C 101 -0.40 -34.23 -12.11
CA CYS C 101 -0.26 -35.67 -11.88
C CYS C 101 -1.05 -36.46 -12.91
N ARG C 102 -0.33 -37.37 -13.58
CA ARG C 102 -0.83 -38.14 -14.73
C ARG C 102 -1.98 -39.08 -14.36
N ASP C 103 -2.05 -39.44 -13.08
CA ASP C 103 -2.99 -40.41 -12.56
C ASP C 103 -4.20 -39.83 -11.90
N CYS C 104 -4.07 -38.69 -11.21
CA CYS C 104 -5.24 -38.17 -10.48
C CYS C 104 -5.70 -36.84 -11.05
N GLY C 105 -4.85 -36.28 -11.93
CA GLY C 105 -5.14 -35.06 -12.70
C GLY C 105 -4.92 -33.71 -12.03
N VAL C 106 -4.45 -33.73 -10.79
CA VAL C 106 -4.22 -32.52 -10.00
C VAL C 106 -2.98 -31.76 -10.51
N HIS C 107 -3.10 -30.45 -10.73
CA HIS C 107 -1.93 -29.61 -11.05
C HIS C 107 -1.09 -29.34 -9.81
N MET C 108 0.14 -29.78 -9.87
CA MET C 108 1.08 -29.75 -8.75
C MET C 108 1.86 -28.44 -8.66
N TYR C 109 2.19 -27.83 -9.80
CA TYR C 109 2.78 -26.49 -9.86
C TYR C 109 2.73 -25.95 -11.28
N GLY C 110 2.81 -24.63 -11.43
CA GLY C 110 2.87 -24.03 -12.76
C GLY C 110 4.19 -23.32 -12.92
N ARG C 111 4.84 -23.49 -14.05
CA ARG C 111 6.17 -22.95 -14.23
C ARG C 111 6.33 -22.04 -15.45
N ILE C 112 7.05 -20.95 -15.25
CA ILE C 112 7.27 -20.06 -16.35
C ILE C 112 8.71 -20.25 -16.82
N GLU C 113 8.79 -20.58 -18.12
CA GLU C 113 9.99 -21.08 -18.73
C GLU C 113 10.74 -19.92 -19.39
N ASN C 114 9.96 -18.97 -19.88
CA ASN C 114 10.39 -17.87 -20.73
C ASN C 114 10.88 -16.78 -19.82
N ARG C 115 12.19 -16.56 -19.85
CA ARG C 115 12.92 -15.62 -19.01
C ARG C 115 12.42 -14.14 -19.10
N ASP C 116 11.67 -13.83 -20.15
CA ASP C 116 11.13 -12.47 -20.37
C ASP C 116 9.67 -12.31 -19.97
N HIS C 117 9.01 -13.38 -19.54
CA HIS C 117 7.62 -13.36 -19.07
C HIS C 117 7.61 -12.60 -17.73
N PRO C 118 6.59 -11.74 -17.49
CA PRO C 118 6.49 -10.94 -16.23
C PRO C 118 6.55 -11.71 -14.90
N PHE C 119 6.07 -12.96 -14.90
CA PHE C 119 6.05 -13.80 -13.70
C PHE C 119 7.13 -14.85 -13.71
N TYR C 120 8.14 -14.68 -14.56
CA TYR C 120 9.29 -15.55 -14.51
C TYR C 120 10.01 -15.41 -13.16
N GLY C 121 10.39 -16.54 -12.56
CA GLY C 121 11.01 -16.52 -11.23
C GLY C 121 9.98 -17.04 -10.24
N LEU C 122 8.74 -17.16 -10.71
CA LEU C 122 7.62 -17.41 -9.83
C LEU C 122 6.86 -18.62 -10.30
N ASP C 123 6.67 -19.54 -9.37
CA ASP C 123 5.88 -20.74 -9.58
C ASP C 123 4.49 -20.45 -9.10
N PHE C 124 3.49 -20.97 -9.80
CA PHE C 124 2.12 -20.98 -9.33
C PHE C 124 1.75 -22.27 -8.58
N VAL C 125 1.07 -22.15 -7.45
CA VAL C 125 0.73 -23.33 -6.62
C VAL C 125 -0.68 -23.31 -5.99
N HIS C 126 -1.27 -24.48 -5.79
CA HIS C 126 -2.60 -24.57 -5.18
C HIS C 126 -2.42 -25.01 -3.75
N THR C 127 -2.51 -24.09 -2.80
CA THR C 127 -2.06 -24.42 -1.44
C THR C 127 -3.12 -25.21 -0.68
N GLU C 128 -4.33 -25.32 -1.24
CA GLU C 128 -5.32 -26.24 -0.73
C GLU C 128 -4.79 -27.68 -0.77
N LEU C 129 -3.72 -27.92 -1.55
CA LEU C 129 -3.10 -29.24 -1.63
C LEU C 129 -2.26 -29.60 -0.40
N SER C 130 -2.17 -28.69 0.55
CA SER C 130 -1.36 -28.83 1.75
C SER C 130 -2.36 -29.12 2.85
N ASP C 131 -1.98 -29.98 3.81
CA ASP C 131 -2.86 -30.32 4.95
C ASP C 131 -2.86 -29.24 6.05
N GLU C 132 -1.90 -28.33 5.96
CA GLU C 132 -1.67 -27.33 7.01
C GLU C 132 -2.22 -25.93 6.65
N ASP C 133 -2.53 -25.16 7.69
CA ASP C 133 -3.02 -23.80 7.54
C ASP C 133 -1.91 -22.77 7.76
N GLY C 134 -2.15 -21.54 7.37
CA GLY C 134 -1.15 -20.50 7.63
C GLY C 134 -0.56 -19.98 6.36
N TRP C 135 -1.03 -20.53 5.25
CA TRP C 135 -0.67 -20.05 3.90
C TRP C 135 -1.17 -18.65 3.66
N SER C 136 -0.47 -17.92 2.80
CA SER C 136 -0.92 -16.60 2.41
C SER C 136 -2.41 -16.66 2.02
N ALA C 137 -3.20 -15.77 2.62
CA ALA C 137 -4.64 -15.73 2.45
C ALA C 137 -5.03 -15.21 1.05
N PRO C 138 -6.19 -15.70 0.55
CA PRO C 138 -6.72 -15.21 -0.72
C PRO C 138 -7.19 -13.74 -0.71
N GLU C 139 -6.72 -12.93 -1.65
CA GLU C 139 -6.86 -11.47 -1.59
C GLU C 139 -7.90 -10.83 -2.52
N PHE C 140 -8.26 -11.54 -3.59
CA PHE C 140 -9.13 -11.02 -4.62
C PHE C 140 -9.56 -12.19 -5.47
N ALA C 141 -10.41 -11.90 -6.44
CA ALA C 141 -10.95 -12.84 -7.44
C ALA C 141 -10.46 -12.34 -8.77
N ALA C 142 -9.84 -13.21 -9.54
CA ALA C 142 -9.32 -12.88 -10.88
C ALA C 142 -10.19 -13.54 -11.92
N PHE C 143 -10.23 -12.92 -13.07
CA PHE C 143 -10.91 -13.42 -14.28
C PHE C 143 -12.37 -13.84 -13.98
N VAL C 144 -13.08 -13.03 -13.22
CA VAL C 144 -14.41 -13.42 -12.83
C VAL C 144 -15.29 -13.78 -14.05
N SER C 145 -15.24 -12.99 -15.12
CA SER C 145 -16.15 -13.17 -16.25
C SER C 145 -15.88 -14.47 -17.04
N SER C 146 -14.66 -15.02 -16.90
CA SER C 146 -14.24 -16.25 -17.59
C SER C 146 -14.83 -17.51 -17.06
N ILE C 147 -15.61 -17.44 -16.01
CA ILE C 147 -16.34 -18.60 -15.54
C ILE C 147 -17.58 -18.83 -16.38
N ILE C 148 -17.94 -17.87 -17.22
CA ILE C 148 -19.01 -18.14 -18.18
C ILE C 148 -18.55 -19.20 -19.22
N GLU C 149 -17.30 -19.10 -19.67
CA GLU C 149 -16.64 -20.10 -20.48
C GLU C 149 -16.62 -21.50 -19.84
N SER C 150 -16.65 -21.57 -18.52
CA SER C 150 -16.78 -22.83 -17.76
C SER C 150 -18.21 -23.37 -17.82
N GLY C 151 -19.15 -22.55 -18.27
CA GLY C 151 -20.52 -22.96 -18.45
C GLY C 151 -21.42 -22.42 -17.38
N VAL C 152 -20.93 -21.45 -16.63
CA VAL C 152 -21.74 -20.74 -15.64
C VAL C 152 -22.72 -19.86 -16.41
N ASP C 153 -24.01 -19.92 -16.06
CA ASP C 153 -24.97 -19.06 -16.74
C ASP C 153 -24.75 -17.60 -16.42
N PRO C 154 -24.67 -16.75 -17.46
CA PRO C 154 -24.56 -15.30 -17.32
C PRO C 154 -25.50 -14.63 -16.31
N SER C 155 -26.67 -15.20 -16.04
CA SER C 155 -27.55 -14.58 -15.05
C SER C 155 -27.19 -14.91 -13.56
N ARG C 156 -26.18 -15.77 -13.36
CA ARG C 156 -25.68 -16.06 -12.04
C ARG C 156 -24.61 -15.09 -11.51
N MET C 157 -24.26 -14.10 -12.34
CA MET C 157 -23.07 -13.28 -12.18
C MET C 157 -23.21 -12.21 -11.10
N GLU C 158 -24.33 -11.50 -11.10
CA GLU C 158 -24.62 -10.50 -10.10
C GLU C 158 -24.45 -11.10 -8.67
N ALA C 159 -24.87 -12.36 -8.51
CA ALA C 159 -24.82 -13.10 -7.25
C ALA C 159 -23.43 -13.69 -6.96
N ILE C 160 -22.66 -13.91 -8.02
CA ILE C 160 -21.32 -14.43 -7.82
C ILE C 160 -20.39 -13.31 -7.37
N ARG C 161 -20.49 -12.13 -7.99
CA ARG C 161 -19.72 -10.94 -7.58
C ARG C 161 -20.11 -10.32 -6.21
N ALA C 162 -21.39 -10.45 -5.82
CA ALA C 162 -21.92 -10.04 -4.53
C ALA C 162 -21.44 -10.97 -3.42
N ARG C 163 -21.42 -12.27 -3.70
CA ARG C 163 -20.86 -13.22 -2.74
C ARG C 163 -19.32 -13.09 -2.59
N LEU C 164 -18.62 -12.94 -3.73
CA LEU C 164 -17.22 -12.62 -3.70
C LEU C 164 -16.97 -11.35 -2.91
N ARG C 165 -17.81 -10.33 -3.07
CA ARG C 165 -17.63 -9.04 -2.35
C ARG C 165 -17.95 -9.14 -0.84
N GLU C 166 -18.97 -9.93 -0.54
CA GLU C 166 -19.29 -10.35 0.80
C GLU C 166 -18.14 -11.08 1.49
N LEU C 167 -17.35 -11.78 0.70
CA LEU C 167 -16.17 -12.46 1.24
C LEU C 167 -15.01 -11.49 1.38
N GLY C 168 -15.12 -10.33 0.75
CA GLY C 168 -14.04 -9.33 0.69
C GLY C 168 -12.96 -9.69 -0.30
N LEU C 169 -13.34 -10.39 -1.36
CA LEU C 169 -12.47 -10.71 -2.48
C LEU C 169 -13.05 -9.87 -3.60
N GLU C 170 -12.34 -8.82 -3.99
CA GLU C 170 -12.83 -7.95 -5.02
C GLU C 170 -12.77 -8.68 -6.34
N PRO C 171 -13.92 -8.75 -7.04
CA PRO C 171 -14.03 -9.34 -8.36
C PRO C 171 -13.30 -8.51 -9.47
N TYR C 172 -12.43 -9.15 -10.24
CA TYR C 172 -11.79 -8.49 -11.38
C TYR C 172 -11.91 -9.42 -12.55
N ASP C 173 -12.02 -8.84 -13.76
CA ASP C 173 -12.12 -9.62 -14.99
C ASP C 173 -10.78 -9.90 -15.62
N ALA C 174 -9.74 -9.41 -14.92
CA ALA C 174 -8.31 -9.65 -15.18
C ALA C 174 -7.67 -9.95 -13.80
N LEU C 175 -6.41 -9.56 -13.58
CA LEU C 175 -5.83 -9.65 -12.23
C LEU C 175 -6.19 -8.40 -11.42
N SER C 176 -5.76 -8.31 -10.15
CA SER C 176 -5.92 -7.07 -9.39
C SER C 176 -5.11 -5.89 -10.01
N PRO C 177 -5.57 -4.62 -9.78
CA PRO C 177 -4.83 -3.47 -10.35
C PRO C 177 -3.29 -3.41 -10.11
N PRO C 178 -2.79 -3.77 -8.88
CA PRO C 178 -1.34 -3.87 -8.63
C PRO C 178 -0.61 -4.94 -9.44
N LEU C 179 -1.17 -6.13 -9.54
CA LEU C 179 -0.59 -7.14 -10.42
C LEU C 179 -0.63 -6.69 -11.90
N MET C 180 -1.69 -6.00 -12.31
CA MET C 180 -1.82 -5.62 -13.71
C MET C 180 -0.86 -4.48 -14.04
N ASP C 181 -0.62 -3.60 -13.06
CA ASP C 181 0.34 -2.47 -13.16
C ASP C 181 1.80 -2.95 -13.16
N ALA C 182 2.11 -3.96 -12.35
CA ALA C 182 3.41 -4.65 -12.40
C ALA C 182 3.65 -5.34 -13.77
N ILE C 183 2.62 -5.96 -14.34
CA ILE C 183 2.77 -6.59 -15.68
C ILE C 183 3.05 -5.53 -16.76
N ALA C 184 2.27 -4.44 -16.79
CA ALA C 184 2.48 -3.37 -17.76
C ALA C 184 3.83 -2.65 -17.60
N THR C 185 4.30 -2.44 -16.38
CA THR C 185 5.66 -1.88 -16.09
C THR C 185 6.77 -2.83 -16.67
N HIS C 186 6.64 -4.12 -16.41
CA HIS C 186 7.51 -5.11 -17.01
C HIS C 186 7.53 -5.08 -18.56
N ILE C 187 6.34 -5.14 -19.18
CA ILE C 187 6.23 -4.99 -20.63
C ILE C 187 6.85 -3.69 -21.08
N ALA C 188 6.59 -2.59 -20.37
CA ALA C 188 7.06 -1.28 -20.77
C ALA C 188 8.60 -1.04 -20.65
N LYS C 189 9.22 -1.59 -19.60
CA LYS C 189 10.67 -1.62 -19.48
C LYS C 189 11.31 -2.44 -20.60
N ARG C 190 10.75 -3.62 -20.88
CA ARG C 190 11.21 -4.46 -22.04
C ARG C 190 11.04 -3.83 -23.42
N SER C 191 10.07 -2.93 -23.59
CA SER C 191 9.80 -2.38 -24.89
C SER C 191 10.43 -1.01 -25.11
N GLY C 192 10.92 -0.36 -24.06
CA GLY C 192 11.52 0.95 -24.19
C GLY C 192 10.62 2.12 -23.83
N ALA C 193 9.37 1.85 -23.43
CA ALA C 193 8.39 2.91 -23.19
C ALA C 193 8.66 3.60 -21.85
N LEU C 194 9.26 2.84 -20.94
CA LEU C 194 9.73 3.35 -19.66
C LEU C 194 11.26 3.19 -19.56
N ALA C 195 11.92 4.27 -19.11
CA ALA C 195 13.29 4.21 -18.55
C ALA C 195 13.52 2.88 -17.79
N ALA C 196 14.59 2.11 -18.12
CA ALA C 196 14.94 0.87 -17.35
C ALA C 196 15.81 1.08 -16.08
N MET D 3 13.32 -19.51 19.65
CA MET D 3 14.33 -18.77 20.47
C MET D 3 13.70 -18.20 21.76
N VAL D 4 12.77 -17.26 21.58
CA VAL D 4 12.18 -16.52 22.71
C VAL D 4 10.87 -17.17 23.17
N ASP D 5 10.68 -17.23 24.48
CA ASP D 5 9.52 -17.87 25.04
C ASP D 5 8.33 -16.93 25.30
N THR D 6 7.24 -17.21 24.59
CA THR D 6 6.12 -16.30 24.39
C THR D 6 4.85 -16.73 25.20
N SER D 7 4.96 -17.84 25.91
CA SER D 7 3.86 -18.41 26.68
C SER D 7 3.48 -17.55 27.89
N GLY D 8 2.17 -17.39 28.08
CA GLY D 8 1.63 -16.57 29.16
C GLY D 8 1.69 -15.05 28.99
N VAL D 9 2.19 -14.55 27.85
CA VAL D 9 2.23 -13.12 27.56
C VAL D 9 0.85 -12.66 27.16
N LYS D 10 0.29 -11.72 27.91
CA LYS D 10 -0.99 -11.11 27.58
C LYS D 10 -0.77 -9.67 27.09
N ILE D 11 -1.40 -9.32 25.96
CA ILE D 11 -1.39 -7.99 25.37
C ILE D 11 -2.67 -7.19 25.68
N HIS D 12 -3.82 -7.65 25.18
CA HIS D 12 -5.13 -7.06 25.41
C HIS D 12 -6.05 -8.25 25.11
N PRO D 13 -7.17 -8.42 25.85
CA PRO D 13 -8.01 -9.64 25.66
C PRO D 13 -8.59 -9.77 24.24
N ALA D 14 -8.78 -8.66 23.54
CA ALA D 14 -9.28 -8.70 22.15
C ALA D 14 -8.34 -9.38 21.19
N VAL D 15 -7.04 -9.46 21.56
CA VAL D 15 -6.03 -10.09 20.68
C VAL D 15 -5.36 -11.34 21.25
N ASP D 16 -5.61 -11.64 22.51
CA ASP D 16 -4.86 -12.74 23.12
C ASP D 16 -5.05 -14.10 22.43
N ASN D 17 -6.25 -14.35 21.88
CA ASN D 17 -6.54 -15.55 21.07
C ASN D 17 -6.42 -15.31 19.57
N GLY D 18 -5.77 -14.23 19.20
CA GLY D 18 -5.55 -13.94 17.79
C GLY D 18 -6.48 -12.83 17.36
N ILE D 19 -6.18 -12.27 16.21
CA ILE D 19 -6.84 -11.06 15.79
C ILE D 19 -8.12 -11.35 14.97
N LYS D 20 -9.27 -10.77 15.38
CA LYS D 20 -10.54 -10.98 14.69
C LYS D 20 -10.61 -10.15 13.41
N PRO D 21 -11.00 -10.78 12.28
CA PRO D 21 -11.09 -10.07 10.98
C PRO D 21 -12.21 -9.04 10.93
N ALA D 22 -12.07 -8.05 10.08
CA ALA D 22 -13.16 -7.11 9.81
C ALA D 22 -14.23 -7.81 8.96
N GLN D 23 -15.45 -7.30 8.97
CA GLN D 23 -16.45 -7.81 8.09
C GLN D 23 -16.53 -6.87 6.90
N PRO D 24 -16.39 -7.41 5.66
CA PRO D 24 -16.63 -6.53 4.51
C PRO D 24 -18.06 -5.93 4.47
N GLY D 25 -18.14 -4.62 4.28
CA GLY D 25 -19.44 -3.97 4.27
C GLY D 25 -19.98 -3.62 5.65
N PHE D 26 -19.13 -3.71 6.68
CA PHE D 26 -19.48 -3.28 8.03
C PHE D 26 -19.87 -1.79 8.04
N ALA D 27 -21.02 -1.53 8.65
CA ALA D 27 -21.63 -0.23 8.56
C ALA D 27 -21.63 0.54 9.90
N GLY D 28 -20.98 -0.07 10.90
CA GLY D 28 -20.86 0.55 12.19
C GLY D 28 -21.60 -0.20 13.27
N GLY D 29 -21.77 0.45 14.42
CA GLY D 29 -22.46 -0.17 15.54
C GLY D 29 -22.58 0.74 16.73
N THR D 30 -22.64 0.14 17.92
CA THR D 30 -22.87 0.93 19.15
C THR D 30 -21.85 0.60 20.21
N LEU D 31 -21.33 1.64 20.84
CA LEU D 31 -20.41 1.51 21.96
C LEU D 31 -21.13 1.83 23.27
N HIS D 32 -20.90 1.01 24.29
CA HIS D 32 -21.56 1.13 25.61
C HIS D 32 -20.49 1.09 26.70
N CYS D 33 -20.61 2.00 27.66
CA CYS D 33 -19.80 1.94 28.86
C CYS D 33 -20.12 0.70 29.71
N LYS D 34 -19.46 0.57 30.84
CA LYS D 34 -19.52 -0.68 31.59
C LYS D 34 -20.53 -0.71 32.76
N CYS D 35 -21.25 0.38 32.95
CA CYS D 35 -22.31 0.54 33.96
C CYS D 35 -23.45 -0.42 33.75
N SER D 36 -23.86 -1.11 34.82
CA SER D 36 -25.04 -2.02 34.80
C SER D 36 -26.36 -1.32 34.54
N THR D 37 -26.39 0.00 34.75
CA THR D 37 -27.60 0.79 34.48
C THR D 37 -27.25 2.21 33.98
N ASN D 38 -28.16 2.77 33.16
CA ASN D 38 -28.02 4.10 32.52
C ASN D 38 -26.66 4.23 31.80
N PRO D 39 -26.23 3.18 31.06
CA PRO D 39 -24.91 3.25 30.42
C PRO D 39 -24.78 4.41 29.42
N VAL D 40 -23.57 4.94 29.23
CA VAL D 40 -23.31 5.80 28.08
C VAL D 40 -23.41 4.89 26.85
N ARG D 41 -24.19 5.31 25.84
CA ARG D 41 -24.25 4.62 24.53
C ARG D 41 -23.77 5.57 23.41
N VAL D 42 -22.77 5.17 22.63
CA VAL D 42 -22.38 5.95 21.44
C VAL D 42 -22.59 5.16 20.11
N ALA D 43 -23.32 5.77 19.20
CA ALA D 43 -23.41 5.26 17.83
C ALA D 43 -22.18 5.64 16.99
N VAL D 44 -21.50 4.60 16.49
CA VAL D 44 -20.46 4.71 15.51
C VAL D 44 -21.03 4.24 14.15
N ARG D 45 -21.33 5.21 13.30
CA ARG D 45 -22.07 5.00 12.05
C ARG D 45 -21.12 4.87 10.83
N ALA D 46 -19.95 4.27 11.03
CA ALA D 46 -19.06 3.98 9.91
C ALA D 46 -18.11 2.90 10.36
N GLN D 47 -17.44 2.25 9.42
CA GLN D 47 -16.31 1.38 9.77
C GLN D 47 -15.14 2.23 10.35
N THR D 48 -14.38 1.64 11.28
CA THR D 48 -13.24 2.32 11.84
C THR D 48 -11.97 2.17 10.98
N ALA D 49 -10.92 2.93 11.25
CA ALA D 49 -9.67 2.71 10.55
C ALA D 49 -8.58 2.67 11.56
N HIS D 50 -7.47 2.03 11.23
CA HIS D 50 -6.26 2.05 12.03
C HIS D 50 -6.40 1.52 13.44
N ASN D 51 -7.22 0.49 13.62
CA ASN D 51 -7.29 -0.14 14.91
C ASN D 51 -5.88 -0.62 15.23
N HIS D 52 -5.44 -0.46 16.46
CA HIS D 52 -4.15 -0.97 16.86
C HIS D 52 -4.22 -1.20 18.36
N VAL D 53 -3.30 -1.98 18.89
CA VAL D 53 -3.02 -1.95 20.33
C VAL D 53 -1.99 -0.86 20.65
N CYS D 54 -2.25 -0.16 21.74
CA CYS D 54 -1.47 0.99 22.13
C CYS D 54 -0.93 0.89 23.57
N GLY D 55 0.35 1.22 23.70
CA GLY D 55 1.06 1.07 24.95
C GLY D 55 1.24 2.32 25.75
N CYS D 56 0.79 3.46 25.24
CA CYS D 56 0.84 4.70 26.01
C CYS D 56 -0.02 4.69 27.29
N THR D 57 0.38 5.54 28.24
CA THR D 57 -0.21 5.54 29.58
C THR D 57 -1.59 6.20 29.63
N LYS D 58 -1.88 6.99 28.59
CA LYS D 58 -3.03 7.89 28.51
C LYS D 58 -4.32 7.22 28.08
N CYS D 59 -4.30 6.08 27.41
CA CYS D 59 -5.58 5.59 26.95
C CYS D 59 -6.22 4.44 27.76
N TRP D 60 -7.53 4.26 27.64
CA TRP D 60 -8.26 3.29 28.47
C TRP D 60 -7.94 1.83 28.15
N LYS D 61 -7.52 1.05 29.15
CA LYS D 61 -7.31 -0.40 29.01
C LYS D 61 -8.40 -1.12 29.83
N PRO D 62 -8.82 -2.34 29.39
CA PRO D 62 -9.65 -3.08 30.32
C PRO D 62 -8.84 -3.47 31.55
N GLU D 63 -9.51 -4.01 32.56
CA GLU D 63 -8.87 -4.58 33.75
C GLU D 63 -7.79 -5.60 33.39
N GLY D 64 -6.61 -5.43 33.98
CA GLY D 64 -5.44 -6.30 33.79
C GLY D 64 -4.81 -6.34 32.41
N ALA D 65 -5.06 -5.32 31.58
CA ALA D 65 -4.52 -5.32 30.21
C ALA D 65 -3.33 -4.36 30.12
N ILE D 66 -2.22 -4.85 29.58
CA ILE D 66 -1.04 -4.01 29.35
C ILE D 66 -1.23 -3.00 28.18
N PHE D 67 -1.97 -3.40 27.14
CA PHE D 67 -2.11 -2.50 26.00
C PHE D 67 -3.57 -2.10 25.95
N SER D 68 -3.86 -0.95 25.38
CA SER D 68 -5.23 -0.67 25.02
C SER D 68 -5.42 -1.00 23.52
N GLN D 69 -6.67 -1.01 23.04
CA GLN D 69 -6.96 -1.26 21.65
C GLN D 69 -7.79 -0.09 21.21
N VAL D 70 -7.36 0.59 20.16
CA VAL D 70 -7.98 1.87 19.90
C VAL D 70 -7.96 2.11 18.38
N ALA D 71 -9.04 2.68 17.84
CA ALA D 71 -9.17 2.86 16.40
C ALA D 71 -9.64 4.22 16.24
N VAL D 72 -9.80 4.61 14.97
CA VAL D 72 -10.18 5.95 14.60
C VAL D 72 -11.49 5.90 13.73
N VAL D 73 -12.38 6.86 13.91
CA VAL D 73 -13.50 6.96 12.97
C VAL D 73 -13.69 8.41 12.60
N GLY D 74 -14.13 8.72 11.40
CA GLY D 74 -14.50 10.10 11.13
C GLY D 74 -15.48 10.61 12.19
N ARG D 75 -15.29 11.83 12.65
CA ARG D 75 -16.11 12.33 13.75
C ARG D 75 -17.61 12.54 13.42
N ASP D 76 -17.99 12.82 12.17
CA ASP D 76 -19.44 12.86 11.79
C ASP D 76 -20.19 11.52 12.04
N ALA D 77 -19.44 10.42 12.15
CA ALA D 77 -20.01 9.10 12.29
C ALA D 77 -20.37 8.79 13.73
N LEU D 78 -19.94 9.65 14.65
CA LEU D 78 -20.12 9.43 16.07
C LEU D 78 -21.33 10.26 16.62
N GLU D 79 -22.14 9.66 17.50
CA GLU D 79 -23.25 10.38 18.14
C GLU D 79 -23.50 9.75 19.47
N VAL D 80 -23.47 10.54 20.54
CA VAL D 80 -23.86 10.03 21.86
C VAL D 80 -25.37 9.84 21.90
N LEU D 81 -25.80 8.59 21.96
CA LEU D 81 -27.20 8.22 22.03
C LEU D 81 -27.81 8.52 23.40
N GLU D 82 -27.38 7.78 24.42
CA GLU D 82 -27.87 7.96 25.79
C GLU D 82 -26.67 8.30 26.69
N GLY D 83 -26.84 9.28 27.57
CA GLY D 83 -25.99 9.37 28.74
C GLY D 83 -24.90 10.40 28.71
N ALA D 84 -25.09 11.45 27.91
CA ALA D 84 -24.10 12.53 27.72
C ALA D 84 -23.72 13.31 28.99
N GLU D 85 -24.71 13.52 29.86
CA GLU D 85 -24.57 14.13 31.18
C GLU D 85 -23.53 13.41 32.05
N LYS D 86 -23.44 12.10 31.87
CA LYS D 86 -22.52 11.19 32.60
C LYS D 86 -21.05 11.23 32.12
N LEU D 87 -20.76 12.04 31.10
CA LEU D 87 -19.44 12.05 30.49
C LEU D 87 -18.61 13.19 30.98
N GLU D 88 -17.38 12.91 31.41
CA GLU D 88 -16.48 14.01 31.72
C GLU D 88 -15.13 13.90 30.98
N ILE D 89 -14.53 15.04 30.65
CA ILE D 89 -13.21 15.08 30.02
C ILE D 89 -12.12 14.66 31.03
N VAL D 90 -11.24 13.70 30.68
CA VAL D 90 -10.17 13.21 31.62
C VAL D 90 -9.03 14.24 31.82
N ASN D 91 -8.77 15.04 30.79
CA ASN D 91 -7.86 16.19 30.85
C ASN D 91 -8.18 17.14 29.71
N ALA D 92 -8.67 18.33 30.07
CA ALA D 92 -9.08 19.33 29.08
C ALA D 92 -7.88 19.96 28.38
N GLU D 93 -6.69 19.80 28.99
CA GLU D 93 -5.42 20.28 28.41
C GLU D 93 -4.88 19.35 27.33
N ALA D 94 -5.20 18.07 27.43
CA ALA D 94 -4.65 17.07 26.52
C ALA D 94 -5.05 17.45 25.07
N PRO D 95 -4.11 17.32 24.10
CA PRO D 95 -4.43 17.65 22.68
C PRO D 95 -5.53 16.73 22.08
N ILE D 96 -5.49 15.43 22.39
CA ILE D 96 -6.68 14.56 22.30
C ILE D 96 -7.45 14.49 23.66
N GLN D 97 -8.69 14.96 23.64
CA GLN D 97 -9.54 15.10 24.84
C GLN D 97 -10.37 13.87 25.09
N ARG D 98 -10.02 13.12 26.11
CA ARG D 98 -10.75 11.88 26.42
C ARG D 98 -12.04 12.06 27.18
N HIS D 99 -13.16 11.64 26.58
CA HIS D 99 -14.46 11.68 27.25
C HIS D 99 -14.76 10.36 27.91
N ARG D 100 -14.74 10.40 29.23
CA ARG D 100 -14.84 9.26 30.08
C ARG D 100 -16.15 9.30 30.87
N CYS D 101 -16.76 8.12 31.04
CA CYS D 101 -17.89 7.99 31.90
C CYS D 101 -17.49 8.19 33.38
N ARG D 102 -18.26 9.06 34.01
CA ARG D 102 -18.18 9.47 35.42
C ARG D 102 -18.18 8.32 36.44
N ASP D 103 -18.87 7.21 36.12
CA ASP D 103 -19.10 6.11 37.10
C ASP D 103 -18.37 4.81 36.94
N CYS D 104 -17.82 4.52 35.77
CA CYS D 104 -17.09 3.27 35.56
C CYS D 104 -15.70 3.54 34.95
N GLY D 105 -15.47 4.80 34.58
CA GLY D 105 -14.18 5.29 34.09
C GLY D 105 -13.77 4.85 32.69
N VAL D 106 -14.75 4.66 31.83
CA VAL D 106 -14.56 4.04 30.52
C VAL D 106 -14.56 5.18 29.51
N HIS D 107 -13.50 5.27 28.70
CA HIS D 107 -13.40 6.35 27.70
C HIS D 107 -14.23 5.94 26.52
N MET D 108 -15.18 6.81 26.20
CA MET D 108 -16.22 6.51 25.23
C MET D 108 -15.75 6.99 23.91
N TYR D 109 -15.03 8.11 23.89
CA TYR D 109 -14.31 8.59 22.70
C TYR D 109 -13.23 9.61 23.07
N GLY D 110 -12.42 10.01 22.10
CA GLY D 110 -11.40 11.04 22.27
C GLY D 110 -11.54 12.01 21.14
N ARG D 111 -11.68 13.29 21.45
CA ARG D 111 -11.93 14.30 20.44
C ARG D 111 -10.73 15.22 20.31
N ILE D 112 -10.48 15.66 19.09
CA ILE D 112 -9.47 16.66 18.79
C ILE D 112 -10.30 17.89 18.48
N GLU D 113 -10.19 18.89 19.34
CA GLU D 113 -10.84 20.17 19.13
C GLU D 113 -9.96 21.18 18.37
N ASN D 114 -8.66 20.91 18.30
CA ASN D 114 -7.71 21.76 17.55
C ASN D 114 -7.80 21.51 16.04
N ARG D 115 -8.25 22.52 15.29
CA ARG D 115 -8.51 22.42 13.85
C ARG D 115 -7.20 22.16 13.04
N ASP D 116 -6.07 22.42 13.69
CA ASP D 116 -4.74 22.33 13.07
C ASP D 116 -3.97 21.05 13.44
N HIS D 117 -4.50 20.27 14.37
CA HIS D 117 -3.92 19.02 14.82
C HIS D 117 -4.08 18.04 13.66
N PRO D 118 -3.01 17.22 13.40
CA PRO D 118 -3.05 16.20 12.32
C PRO D 118 -4.26 15.24 12.34
N PHE D 119 -4.78 14.94 13.52
CA PHE D 119 -5.84 13.94 13.65
C PHE D 119 -7.21 14.59 13.79
N TYR D 120 -7.27 15.88 13.48
CA TYR D 120 -8.52 16.60 13.50
C TYR D 120 -9.47 16.10 12.43
N GLY D 121 -10.72 15.87 12.86
CA GLY D 121 -11.77 15.33 12.01
C GLY D 121 -12.01 13.85 12.30
N LEU D 122 -11.35 13.33 13.33
CA LEU D 122 -11.26 11.90 13.56
C LEU D 122 -11.34 11.73 15.04
N ASP D 123 -12.29 10.88 15.46
CA ASP D 123 -12.48 10.49 16.84
C ASP D 123 -11.79 9.17 17.14
N PHE D 124 -11.43 8.98 18.40
CA PHE D 124 -10.71 7.82 18.83
C PHE D 124 -11.61 6.96 19.69
N VAL D 125 -11.86 5.74 19.25
CA VAL D 125 -12.84 4.89 19.90
C VAL D 125 -12.25 3.50 20.24
N HIS D 126 -12.73 2.95 21.36
CA HIS D 126 -12.41 1.56 21.75
C HIS D 126 -13.56 0.66 21.32
N THR D 127 -13.38 -0.03 20.19
CA THR D 127 -14.46 -0.84 19.60
C THR D 127 -14.76 -2.12 20.38
N GLU D 128 -13.91 -2.50 21.32
CA GLU D 128 -14.25 -3.59 22.25
C GLU D 128 -15.47 -3.27 23.16
N LEU D 129 -15.96 -2.02 23.09
CA LEU D 129 -17.06 -1.59 23.93
C LEU D 129 -18.38 -1.81 23.20
N SER D 130 -18.25 -2.49 22.08
CA SER D 130 -19.34 -2.83 21.21
C SER D 130 -19.51 -4.34 21.33
N ASP D 131 -20.78 -4.76 21.28
CA ASP D 131 -21.14 -6.20 21.31
C ASP D 131 -21.06 -6.86 19.91
N GLU D 132 -21.10 -6.04 18.86
CA GLU D 132 -20.98 -6.52 17.47
C GLU D 132 -19.51 -6.72 17.06
N ASP D 133 -19.30 -7.79 16.29
CA ASP D 133 -18.02 -8.11 15.68
C ASP D 133 -17.97 -7.43 14.31
N GLY D 134 -16.80 -7.45 13.67
CA GLY D 134 -16.70 -7.01 12.29
C GLY D 134 -16.01 -5.68 12.12
N TRP D 135 -15.50 -5.16 13.22
CA TRP D 135 -14.83 -3.88 13.23
C TRP D 135 -13.49 -4.02 12.61
N SER D 136 -12.95 -2.89 12.16
CA SER D 136 -11.61 -2.83 11.57
C SER D 136 -10.54 -3.48 12.47
N ALA D 137 -9.84 -4.49 11.96
CA ALA D 137 -8.92 -5.31 12.75
C ALA D 137 -7.69 -4.52 13.19
N PRO D 138 -7.13 -4.88 14.37
CA PRO D 138 -5.88 -4.26 14.84
C PRO D 138 -4.72 -4.53 13.87
N GLU D 139 -4.04 -3.45 13.46
CA GLU D 139 -3.03 -3.55 12.40
C GLU D 139 -1.60 -3.63 12.95
N PHE D 140 -1.32 -2.94 14.06
CA PHE D 140 0.04 -2.85 14.64
C PHE D 140 -0.04 -2.64 16.16
N ALA D 141 1.15 -2.48 16.77
CA ALA D 141 1.32 -2.13 18.19
C ALA D 141 2.09 -0.81 18.25
N ALA D 142 1.59 0.14 19.02
CA ALA D 142 2.06 1.51 19.06
C ALA D 142 2.53 1.76 20.49
N PHE D 143 3.50 2.66 20.62
CA PHE D 143 4.02 3.12 21.91
C PHE D 143 4.37 1.96 22.82
N VAL D 144 5.07 0.97 22.29
CA VAL D 144 5.31 -0.28 22.98
C VAL D 144 6.22 -0.08 24.18
N SER D 145 7.27 0.72 24.01
CA SER D 145 8.21 0.93 25.09
C SER D 145 7.60 1.64 26.31
N SER D 146 6.46 2.30 26.12
CA SER D 146 5.76 3.10 27.15
C SER D 146 4.95 2.26 28.12
N ILE D 147 4.94 0.96 27.91
CA ILE D 147 4.24 0.09 28.82
C ILE D 147 5.13 -0.05 30.04
N ILE D 148 6.41 0.33 29.89
CA ILE D 148 7.35 0.26 30.99
C ILE D 148 7.00 1.32 32.02
N GLU D 149 6.52 2.46 31.52
CA GLU D 149 6.05 3.58 32.34
C GLU D 149 4.78 3.28 33.13
N SER D 150 4.19 2.11 32.93
CA SER D 150 3.06 1.73 33.75
C SER D 150 3.39 0.54 34.66
N GLY D 151 4.66 0.15 34.64
CA GLY D 151 5.15 -0.80 35.61
C GLY D 151 5.54 -2.14 35.07
N VAL D 152 5.46 -2.31 33.76
CA VAL D 152 6.00 -3.49 33.08
C VAL D 152 7.52 -3.53 33.28
N ASP D 153 8.06 -4.69 33.64
CA ASP D 153 9.50 -4.78 33.85
C ASP D 153 10.23 -4.85 32.53
N PRO D 154 11.25 -3.97 32.32
CA PRO D 154 12.00 -3.98 31.07
C PRO D 154 12.37 -5.38 30.54
N SER D 155 12.84 -6.28 31.41
CA SER D 155 13.24 -7.61 31.01
C SER D 155 12.08 -8.42 30.38
N ARG D 156 10.86 -7.90 30.52
CA ARG D 156 9.70 -8.52 29.88
C ARG D 156 9.47 -8.15 28.42
N MET D 157 10.26 -7.17 27.95
CA MET D 157 10.04 -6.49 26.68
C MET D 157 10.32 -7.35 25.48
N GLU D 158 11.34 -8.20 25.58
CA GLU D 158 11.67 -9.12 24.49
C GLU D 158 10.53 -10.10 24.19
N ALA D 159 9.83 -10.53 25.24
CA ALA D 159 8.83 -11.57 25.06
C ALA D 159 7.54 -10.92 24.61
N ILE D 160 7.23 -9.74 25.14
CA ILE D 160 6.13 -8.94 24.68
C ILE D 160 6.23 -8.66 23.17
N ARG D 161 7.34 -8.08 22.70
CA ARG D 161 7.54 -7.84 21.25
C ARG D 161 7.50 -9.11 20.39
N ALA D 162 8.03 -10.20 20.91
CA ALA D 162 8.03 -11.46 20.21
C ALA D 162 6.63 -12.06 20.09
N ARG D 163 5.77 -11.76 21.06
CA ARG D 163 4.37 -12.16 21.06
C ARG D 163 3.56 -11.24 20.18
N LEU D 164 3.91 -9.96 20.15
CA LEU D 164 3.21 -9.04 19.25
C LEU D 164 3.42 -9.48 17.81
N ARG D 165 4.66 -9.74 17.45
CA ARG D 165 5.02 -10.18 16.12
C ARG D 165 4.36 -11.50 15.67
N GLU D 166 4.14 -12.40 16.62
CA GLU D 166 3.52 -13.66 16.30
C GLU D 166 2.01 -13.52 16.11
N LEU D 167 1.40 -12.56 16.83
CA LEU D 167 0.03 -12.14 16.56
C LEU D 167 -0.12 -11.39 15.22
N GLY D 168 0.99 -10.97 14.62
CA GLY D 168 0.98 -10.18 13.40
C GLY D 168 0.98 -8.67 13.61
N LEU D 169 1.18 -8.22 14.85
CA LEU D 169 1.12 -6.81 15.17
C LEU D 169 2.50 -6.20 15.32
N GLU D 170 3.00 -5.55 14.28
CA GLU D 170 4.36 -5.05 14.35
C GLU D 170 4.53 -4.00 15.49
N PRO D 171 5.47 -4.25 16.44
CA PRO D 171 5.76 -3.29 17.52
C PRO D 171 6.51 -1.98 17.12
N TYR D 172 5.89 -0.84 17.41
CA TYR D 172 6.57 0.40 17.23
C TYR D 172 6.60 1.14 18.55
N ASP D 173 7.59 2.04 18.69
CA ASP D 173 7.74 2.86 19.89
C ASP D 173 7.07 4.23 19.71
N ALA D 174 6.50 4.39 18.53
CA ALA D 174 5.60 5.48 18.20
C ALA D 174 4.40 4.85 17.47
N LEU D 175 3.84 5.57 16.50
CA LEU D 175 2.85 4.98 15.58
C LEU D 175 3.52 4.13 14.49
N SER D 176 2.74 3.47 13.65
CA SER D 176 3.25 2.83 12.44
C SER D 176 3.91 3.81 11.45
N PRO D 177 4.89 3.37 10.65
CA PRO D 177 5.51 4.34 9.75
C PRO D 177 4.58 5.16 8.83
N PRO D 178 3.50 4.54 8.21
CA PRO D 178 2.54 5.31 7.38
C PRO D 178 1.77 6.37 8.15
N LEU D 179 1.40 6.09 9.40
CA LEU D 179 0.84 7.10 10.26
C LEU D 179 1.83 8.20 10.65
N MET D 180 3.05 7.86 11.02
CA MET D 180 4.06 8.90 11.30
C MET D 180 4.41 9.76 10.10
N ASP D 181 4.48 9.21 8.89
CA ASP D 181 4.68 10.06 7.66
C ASP D 181 3.46 10.98 7.46
N ALA D 182 2.25 10.46 7.73
CA ALA D 182 1.01 11.28 7.64
C ALA D 182 1.10 12.49 8.58
N ILE D 183 1.47 12.23 9.83
CA ILE D 183 1.64 13.30 10.82
C ILE D 183 2.74 14.32 10.39
N ALA D 184 3.95 13.88 10.05
CA ALA D 184 5.01 14.75 9.53
C ALA D 184 4.62 15.59 8.29
N THR D 185 3.82 15.01 7.37
CA THR D 185 3.32 15.70 6.17
C THR D 185 2.38 16.83 6.55
N HIS D 186 1.50 16.54 7.50
CA HIS D 186 0.61 17.54 8.00
C HIS D 186 1.42 18.70 8.63
N ILE D 187 2.28 18.38 9.61
CA ILE D 187 3.22 19.36 10.15
C ILE D 187 4.01 20.13 9.09
N ALA D 188 4.64 19.44 8.17
CA ALA D 188 5.39 20.11 7.12
C ALA D 188 4.54 21.02 6.19
N LYS D 189 3.29 20.63 5.89
CA LYS D 189 2.41 21.49 5.07
C LYS D 189 1.98 22.74 5.84
N ARG D 190 1.75 22.57 7.15
CA ARG D 190 1.48 23.74 8.00
C ARG D 190 2.65 24.71 8.15
N SER D 191 3.88 24.19 8.11
CA SER D 191 5.04 25.02 8.39
C SER D 191 5.64 25.63 7.14
N GLY D 192 5.27 25.13 5.98
CA GLY D 192 5.86 25.65 4.77
C GLY D 192 7.03 24.83 4.26
N ALA D 193 7.45 23.80 4.99
CA ALA D 193 8.52 22.91 4.55
C ALA D 193 8.12 22.17 3.28
N LEU D 194 6.82 21.96 3.09
CA LEU D 194 6.30 21.29 1.89
C LEU D 194 5.27 22.19 1.24
N ALA D 195 5.18 22.09 -0.08
CA ALA D 195 4.18 22.80 -0.90
C ALA D 195 2.76 22.32 -0.53
N ALA D 196 1.86 23.29 -0.29
CA ALA D 196 0.35 23.19 0.01
C ALA D 196 -0.05 23.38 1.48
#